data_9I9K
#
_entry.id   9I9K
#
loop_
_entity.id
_entity.type
_entity.pdbx_description
1 polymer 'CDK-activating kinase assembly factor MAT1'
2 polymer Cyclin-H
3 polymer 'Cyclin-dependent kinase 7'
4 polymer 'Cyclin-dependent kinase 2'
5 non-polymer "ADENOSINE-5'-DIPHOSPHATE"
6 non-polymer 'MAGNESIUM ION'
7 water water
#
loop_
_entity_poly.entity_id
_entity_poly.type
_entity_poly.pdbx_seq_one_letter_code
_entity_poly.pdbx_strand_id
1 'polypeptide(L)'
;MGSSHHHHHHENLYFQSNAMDDQGCPRCKTTKYRNPSLKLMVNVCGHTLCESCVDLLFVRGAGNCPECGTPLRKSNFRVQ
LFEDPTVDKEVEIRKKVLKIYNKREEDFPSLREYNDFLEEVEEIVFNLTNNVDLDNTKKKMEIYQKENKDVIQKNKLKLT
REQEELEEALEVERQENEQRRLFIQKEEQLQQILKRKNKQAFLDELESSDLPVALLLAQHKDRSTQLEMQLEKPKPVKPV
TFSTGIKMGQHISLAPIHKLEEALYEYQPLQIETYGPHVPELEMLGRLGYLNHVRAASPQDLAGGYTSSLACHRALQDAF
SGLFWQPS
;
H
2 'polypeptide(L)'
;(ACE)MYHNSSQKRHWTFSSEEQLARLRADANRKFRCKAVANGKVLPNDPVFLEPHEEMTLCKYYEKRLLEFCSVFKPAM
PRSVVGTACMYFKRFYLNNSVMEYHPRIIMLTCAFLACKVDEFNVSSPQFVGNLRESPLGQEKALEQILEYELLLIQQLN
FHLIVHNPYRPFEGFLIDLKTRYPILENPEILRKTADDFLNRIALTDAYLLYTPSQIALTAILSSASRAGITMESYLSES
LMLKENRTCLSQLLDIMKSMRNLVKKYEPPRSEEVAVLKQKLERCHSAELALNVITKKRKGYEDDDYVSKKSKHEEEEWT
DDDLVESL
;
I
3 'polypeptide(L)'
;MASWSHPQFEKGGGSGGGSGGGSWSHPQFEKSGGGSENLYFQSNAMALDVKSRAKRYEKLDFLGEGQFATVYKARDKNTN
QIVAIKKIKLGHRSEAKDGINRTALREIKLLQELSHPNIIGLLDAFGHKSNISLVFDFMETDLEVIIKDNSLVLTPSHIK
AYMLMTLQGLEYLHQHWILHRDLKPNNLLLDENGVLKLADFGLAKSFGSPNRAYTHQVVTRWYRAPELLFGARMYGVGVD
MWAVGCILAELLLRVPFLPGDSDLDQLTRIFETLGTPTEEQWPDMCSLPDYVTFKSFPGIPLHHIFSAAGDDLLDLIQGL
FLFNPCARITATQALKMKYFSNRPGPTPGCQLPRPNCPVETLKEQSNPALAIKRKRTEALEQGGLPKKLIF
;
J
4 'polypeptide(L)'
;SNAMENFQKVEKIGEGTYGVVYKARNKLTGEVVALKKIRLDTETEGVPSTAIREISLLKELNHPNIVKLLDVIHTENKLY
LVFEFLHQDLKKFMDASALTGIPLPLIKSYLFQLLQGLAFCHSHRVLHRDLKPQNLLINTEGAIKLADFGLARAFGVPVR
TYTHEVVTLWYRAPEILLGCKYYSTAVDIWSLGCIFAEMVTRRALFPGDSEIDQLFRIFRTLGTPDEVVWPGVTSMPDYK
PSFPKWARQDFSKVVPPLDEDGRSLLSQMLHYDPNKRISAKAALAHPFFQDVTKPVPHLRL
;
K
#
loop_
_chem_comp.id
_chem_comp.type
_chem_comp.name
_chem_comp.formula
ACE non-polymer 'ACETYL GROUP' 'C2 H4 O'
ADP non-polymer ADENOSINE-5'-DIPHOSPHATE 'C10 H15 N5 O10 P2'
MG non-polymer 'MAGNESIUM ION' 'Mg 2'
#
# COMPACT_ATOMS: atom_id res chain seq x y z
N ALA A 263 -1.98 24.34 33.67
CA ALA A 263 -2.83 24.71 32.55
C ALA A 263 -3.64 23.52 32.05
N LEU A 264 -4.89 23.43 32.50
CA LEU A 264 -5.75 22.32 32.10
C LEU A 264 -6.07 22.39 30.61
N TYR A 265 -6.29 21.22 30.02
CA TYR A 265 -6.65 21.11 28.62
C TYR A 265 -8.15 21.27 28.46
N GLU A 266 -8.57 21.85 27.34
CA GLU A 266 -9.97 21.97 26.97
C GLU A 266 -10.13 21.59 25.51
N TYR A 267 -11.12 20.75 25.22
CA TYR A 267 -11.35 20.31 23.85
C TYR A 267 -11.88 21.47 23.02
N GLN A 268 -11.25 21.70 21.87
CA GLN A 268 -11.70 22.71 20.92
C GLN A 268 -11.96 22.04 19.58
N PRO A 269 -13.17 22.16 19.04
CA PRO A 269 -13.49 21.43 17.80
C PRO A 269 -12.61 21.84 16.63
N LEU A 270 -12.33 20.88 15.76
CA LEU A 270 -11.49 21.13 14.59
C LEU A 270 -12.29 21.87 13.53
N GLN A 271 -11.81 23.05 13.13
CA GLN A 271 -12.53 23.92 12.21
C GLN A 271 -11.77 24.04 10.91
N ILE A 272 -12.36 23.52 9.83
CA ILE A 272 -11.79 23.60 8.49
C ILE A 272 -12.85 24.17 7.56
N GLU A 273 -12.47 25.17 6.79
CA GLU A 273 -13.36 25.78 5.81
C GLU A 273 -13.57 24.83 4.65
N THR A 274 -14.83 24.59 4.28
CA THR A 274 -15.14 23.65 3.22
C THR A 274 -15.75 24.29 1.98
N TYR A 275 -16.15 25.56 2.04
CA TYR A 275 -16.66 26.30 0.89
C TYR A 275 -17.87 25.60 0.27
N GLY A 276 -18.79 25.16 1.12
CA GLY A 276 -19.95 24.44 0.65
C GLY A 276 -21.08 24.41 1.65
N PRO A 277 -22.20 23.79 1.26
CA PRO A 277 -23.32 23.65 2.18
C PRO A 277 -22.97 22.78 3.38
N HIS A 278 -23.67 23.03 4.49
CA HIS A 278 -23.47 22.29 5.72
C HIS A 278 -23.84 20.82 5.54
N VAL A 279 -22.98 19.94 6.02
CA VAL A 279 -23.17 18.49 5.93
C VAL A 279 -23.71 18.00 7.27
N PRO A 280 -24.79 17.23 7.29
CA PRO A 280 -25.34 16.77 8.57
C PRO A 280 -24.38 15.86 9.33
N GLU A 281 -24.51 15.86 10.65
CA GLU A 281 -23.65 15.07 11.51
C GLU A 281 -23.87 13.57 11.27
N LEU A 282 -22.84 12.79 11.57
CA LEU A 282 -22.83 11.37 11.22
C LEU A 282 -23.95 10.61 11.91
N GLU A 283 -24.19 10.89 13.19
CA GLU A 283 -25.21 10.16 13.93
C GLU A 283 -26.62 10.49 13.47
N MET A 284 -26.81 11.64 12.82
CA MET A 284 -28.13 12.09 12.39
C MET A 284 -28.57 11.49 11.06
N LEU A 285 -27.67 10.79 10.35
CA LEU A 285 -27.97 10.38 8.98
C LEU A 285 -29.15 9.42 8.93
N GLY A 286 -29.21 8.45 9.84
CA GLY A 286 -30.29 7.49 9.80
C GLY A 286 -31.63 8.11 10.11
N ARG A 287 -31.67 8.98 11.11
CA ARG A 287 -32.91 9.63 11.51
C ARG A 287 -33.44 10.59 10.45
N LEU A 288 -32.57 11.27 9.72
CA LEU A 288 -32.99 12.18 8.67
C LEU A 288 -33.35 11.48 7.37
N GLY A 289 -33.20 10.15 7.31
CA GLY A 289 -33.61 9.38 6.16
C GLY A 289 -32.58 9.19 5.08
N TYR A 290 -31.34 9.62 5.31
CA TYR A 290 -30.30 9.44 4.29
C TYR A 290 -29.99 7.98 4.04
N LEU A 291 -29.99 7.16 5.09
CA LEU A 291 -29.55 5.77 4.99
C LEU A 291 -30.54 4.88 4.26
N ASN A 292 -31.71 5.40 3.87
CA ASN A 292 -32.65 4.65 3.06
C ASN A 292 -32.24 4.60 1.59
N HIS A 293 -31.18 5.33 1.22
CA HIS A 293 -30.78 5.40 -0.18
C HIS A 293 -29.33 4.93 -0.39
N VAL A 294 -28.77 4.21 0.57
CA VAL A 294 -27.45 3.61 0.42
C VAL A 294 -27.57 2.12 0.70
N ARG A 295 -26.63 1.36 0.15
CA ARG A 295 -26.57 -0.07 0.39
C ARG A 295 -26.33 -0.36 1.87
N ALA A 296 -27.05 -1.34 2.39
CA ALA A 296 -26.88 -1.73 3.78
C ALA A 296 -25.53 -2.43 3.98
N ALA A 297 -25.00 -2.30 5.19
CA ALA A 297 -23.74 -2.96 5.54
C ALA A 297 -24.02 -4.41 5.93
N SER A 298 -23.25 -5.34 5.35
CA SER A 298 -23.39 -6.74 5.67
C SER A 298 -22.94 -7.01 7.10
N PRO A 299 -23.41 -8.10 7.71
CA PRO A 299 -22.94 -8.43 9.06
C PRO A 299 -21.43 -8.60 9.14
N GLN A 300 -20.80 -9.14 8.10
CA GLN A 300 -19.35 -9.23 8.07
C GLN A 300 -18.72 -7.84 8.07
N ASP A 301 -19.26 -6.92 7.30
CA ASP A 301 -18.78 -5.54 7.33
C ASP A 301 -18.97 -4.93 8.72
N LEU A 302 -20.14 -5.17 9.32
CA LEU A 302 -20.44 -4.60 10.62
C LEU A 302 -19.51 -5.13 11.70
N ALA A 303 -19.08 -6.38 11.58
CA ALA A 303 -18.21 -6.98 12.60
C ALA A 303 -16.86 -6.27 12.66
N GLY A 304 -16.44 -5.65 11.57
CA GLY A 304 -15.22 -4.89 11.55
C GLY A 304 -15.35 -3.43 11.90
N GLY A 305 -16.56 -2.94 12.08
CA GLY A 305 -16.79 -1.54 12.38
C GLY A 305 -17.12 -0.66 11.20
N TYR A 306 -17.40 -1.24 10.04
CA TYR A 306 -17.77 -0.46 8.86
C TYR A 306 -19.28 -0.39 8.75
N THR A 307 -19.83 0.82 8.82
CA THR A 307 -21.26 1.05 8.72
C THR A 307 -21.58 1.85 7.48
N SER A 308 -22.83 1.75 7.02
CA SER A 308 -23.27 2.51 5.85
C SER A 308 -23.20 4.01 6.09
N SER A 309 -23.30 4.44 7.35
CA SER A 309 -23.24 5.85 7.67
C SER A 309 -21.92 6.48 7.22
N LEU A 310 -20.82 5.73 7.35
CA LEU A 310 -19.53 6.27 6.93
C LEU A 310 -19.50 6.54 5.43
N ALA A 311 -19.99 5.59 4.62
CA ALA A 311 -20.01 5.78 3.18
C ALA A 311 -20.92 6.94 2.79
N CYS A 312 -22.11 7.02 3.40
CA CYS A 312 -23.01 8.13 3.11
C CYS A 312 -22.39 9.47 3.49
N HIS A 313 -21.76 9.53 4.66
CA HIS A 313 -21.13 10.77 5.11
C HIS A 313 -20.01 11.20 4.17
N ARG A 314 -19.19 10.25 3.73
CA ARG A 314 -18.12 10.59 2.80
C ARG A 314 -18.67 11.11 1.48
N ALA A 315 -19.70 10.44 0.94
CA ALA A 315 -20.27 10.88 -0.32
C ALA A 315 -20.85 12.28 -0.21
N LEU A 316 -21.55 12.57 0.89
CA LEU A 316 -22.13 13.90 1.07
C LEU A 316 -21.06 14.97 1.23
N GLN A 317 -20.00 14.67 2.00
CA GLN A 317 -18.94 15.63 2.19
C GLN A 317 -18.25 15.95 0.86
N ASP A 318 -18.05 14.94 0.02
CA ASP A 318 -17.45 15.18 -1.28
C ASP A 318 -18.40 15.95 -2.20
N ALA A 319 -19.70 15.70 -2.09
CA ALA A 319 -20.66 16.44 -2.89
C ALA A 319 -20.68 17.92 -2.52
N PHE A 320 -20.51 18.23 -1.24
CA PHE A 320 -20.61 19.63 -0.81
C PHE A 320 -19.27 20.33 -0.68
N SER A 321 -18.15 19.69 -1.02
CA SER A 321 -16.86 20.32 -0.77
C SER A 321 -16.49 21.28 -1.90
N GLY A 322 -16.26 22.53 -1.54
CA GLY A 322 -15.87 23.53 -2.52
C GLY A 322 -16.90 23.81 -3.58
N LEU A 323 -18.18 23.66 -3.25
CA LEU A 323 -19.23 23.88 -4.24
C LEU A 323 -19.26 25.33 -4.70
N PHE A 324 -19.04 26.28 -3.80
CA PHE A 324 -18.90 27.67 -4.19
C PHE A 324 -17.55 28.18 -3.69
N TRP A 325 -16.52 27.92 -4.49
CA TRP A 325 -15.19 28.47 -4.31
C TRP A 325 -14.66 28.93 -5.67
N GLN A 326 -14.08 30.12 -5.69
CA GLN A 326 -13.54 30.68 -6.92
C GLN A 326 -12.02 30.73 -6.85
N PRO A 327 -11.32 30.22 -7.88
CA PRO A 327 -9.86 30.30 -7.98
C PRO A 327 -9.33 31.73 -7.91
C ACE B 1 -9.02 14.43 1.01
O ACE B 1 -9.77 13.78 0.29
CH3 ACE B 1 -7.74 13.86 1.55
N MET B 2 -9.27 15.67 1.39
CA MET B 2 -10.46 16.41 0.99
C MET B 2 -10.09 17.47 -0.05
N TYR B 3 -11.04 17.83 -0.91
CA TYR B 3 -10.73 18.80 -1.96
C TYR B 3 -10.46 20.18 -1.40
N HIS B 4 -11.16 20.56 -0.33
CA HIS B 4 -11.14 21.96 0.10
C HIS B 4 -9.81 22.37 0.70
N ASN B 5 -8.90 21.42 0.95
CA ASN B 5 -7.53 21.77 1.31
C ASN B 5 -6.54 20.91 0.55
N SER B 6 -6.85 20.61 -0.71
CA SER B 6 -6.06 19.73 -1.53
C SER B 6 -5.06 20.50 -2.38
N SER B 7 -4.05 19.79 -2.88
CA SER B 7 -3.10 20.37 -3.82
C SER B 7 -3.74 20.66 -5.17
N GLN B 8 -4.74 19.86 -5.56
CA GLN B 8 -5.44 20.12 -6.81
C GLN B 8 -6.11 21.48 -6.78
N LYS B 9 -6.71 21.84 -5.65
CA LYS B 9 -7.37 23.13 -5.53
C LYS B 9 -6.36 24.26 -5.43
N ARG B 10 -5.25 24.05 -4.73
CA ARG B 10 -4.26 25.10 -4.51
C ARG B 10 -3.43 25.40 -5.75
N HIS B 11 -3.07 24.39 -6.53
CA HIS B 11 -2.08 24.55 -7.59
C HIS B 11 -2.57 24.22 -8.98
N TRP B 12 -3.68 23.49 -9.12
CA TRP B 12 -4.08 23.00 -10.43
C TRP B 12 -5.53 23.34 -10.78
N THR B 13 -6.05 24.45 -10.25
CA THR B 13 -7.28 25.05 -10.75
C THR B 13 -6.97 26.49 -11.09
N PHE B 14 -7.30 26.90 -12.31
CA PHE B 14 -6.84 28.16 -12.87
C PHE B 14 -8.01 29.10 -13.12
N SER B 15 -7.70 30.39 -13.19
CA SER B 15 -8.73 31.43 -13.19
C SER B 15 -9.47 31.51 -14.52
N SER B 16 -8.78 31.32 -15.64
CA SER B 16 -9.42 31.41 -16.94
C SER B 16 -8.61 30.61 -17.94
N GLU B 17 -9.23 30.33 -19.09
CA GLU B 17 -8.52 29.60 -20.14
C GLU B 17 -7.44 30.45 -20.80
N GLU B 18 -7.45 31.76 -20.56
CA GLU B 18 -6.34 32.59 -21.01
C GLU B 18 -5.04 32.19 -20.31
N GLN B 19 -5.12 31.88 -19.01
CA GLN B 19 -3.93 31.38 -18.31
C GLN B 19 -3.46 30.05 -18.89
N LEU B 20 -4.40 29.17 -19.22
CA LEU B 20 -4.04 27.88 -19.80
C LEU B 20 -3.33 28.07 -21.13
N ALA B 21 -3.89 28.92 -22.00
CA ALA B 21 -3.25 29.20 -23.28
C ALA B 21 -1.89 29.83 -23.08
N ARG B 22 -1.76 30.72 -22.09
CA ARG B 22 -0.48 31.37 -21.85
C ARG B 22 0.58 30.38 -21.41
N LEU B 23 0.25 29.46 -20.51
CA LEU B 23 1.22 28.46 -20.08
C LEU B 23 1.60 27.53 -21.24
N ARG B 24 0.63 27.15 -22.06
CA ARG B 24 0.96 26.27 -23.19
C ARG B 24 1.82 26.98 -24.23
N ALA B 25 1.53 28.26 -24.50
CA ALA B 25 2.34 29.03 -25.44
C ALA B 25 3.75 29.23 -24.89
N ASP B 26 3.86 29.45 -23.58
CA ASP B 26 5.17 29.57 -22.95
C ASP B 26 5.97 28.28 -23.10
N ALA B 27 5.31 27.13 -22.95
CA ALA B 27 5.98 25.85 -23.16
C ALA B 27 6.48 25.72 -24.60
N ASN B 28 5.63 26.05 -25.56
CA ASN B 28 6.01 25.95 -26.97
C ASN B 28 7.20 26.86 -27.27
N ARG B 29 7.16 28.10 -26.79
CA ARG B 29 8.24 29.05 -27.05
C ARG B 29 9.54 28.61 -26.37
N LYS B 30 9.44 28.07 -25.15
CA LYS B 30 10.63 27.61 -24.46
C LYS B 30 11.30 26.45 -25.20
N PHE B 31 10.49 25.49 -25.70
CA PHE B 31 11.09 24.42 -26.49
C PHE B 31 11.70 24.95 -27.78
N ARG B 32 11.04 25.91 -28.44
CA ARG B 32 11.62 26.47 -29.65
C ARG B 32 12.95 27.15 -29.36
N CYS B 33 13.04 27.89 -28.25
CA CYS B 33 14.30 28.52 -27.89
C CYS B 33 15.39 27.49 -27.62
N LYS B 34 15.05 26.42 -26.90
CA LYS B 34 16.03 25.37 -26.63
C LYS B 34 16.54 24.75 -27.93
N ALA B 35 15.62 24.43 -28.84
CA ALA B 35 16.02 23.77 -30.09
C ALA B 35 16.86 24.71 -30.95
N VAL B 36 16.48 25.99 -31.03
CA VAL B 36 17.21 26.91 -31.90
C VAL B 36 18.55 27.31 -31.28
N ALA B 37 18.70 27.21 -29.96
CA ALA B 37 20.01 27.37 -29.35
C ALA B 37 20.84 26.09 -29.45
N ASN B 38 20.20 24.94 -29.64
CA ASN B 38 20.94 23.71 -29.85
C ASN B 38 21.77 23.79 -31.12
N GLY B 39 21.20 24.30 -32.20
CA GLY B 39 21.89 24.40 -33.48
C GLY B 39 21.34 23.45 -34.52
N ASP B 45 12.74 25.34 -39.27
CA ASP B 45 11.70 26.25 -38.83
C ASP B 45 10.27 25.76 -39.14
N PRO B 46 10.00 25.33 -40.38
CA PRO B 46 8.65 24.80 -40.67
C PRO B 46 8.34 23.50 -39.95
N VAL B 47 9.34 22.81 -39.41
CA VAL B 47 9.08 21.57 -38.67
C VAL B 47 8.49 21.84 -37.29
N PHE B 48 8.63 23.04 -36.76
CA PHE B 48 8.00 23.38 -35.49
C PHE B 48 6.48 23.39 -35.62
N LEU B 49 5.81 23.03 -34.53
CA LEU B 49 4.36 23.02 -34.46
C LEU B 49 3.88 24.21 -33.65
N GLU B 50 2.80 24.83 -34.09
CA GLU B 50 2.21 25.93 -33.36
C GLU B 50 1.34 25.41 -32.23
N PRO B 51 1.07 26.24 -31.22
CA PRO B 51 0.32 25.75 -30.05
C PRO B 51 -1.04 25.14 -30.36
N HIS B 52 -1.78 25.64 -31.35
CA HIS B 52 -3.08 25.05 -31.63
C HIS B 52 -2.94 23.67 -32.26
N GLU B 53 -1.91 23.46 -33.06
CA GLU B 53 -1.63 22.12 -33.57
C GLU B 53 -1.26 21.19 -32.42
N GLU B 54 -0.50 21.68 -31.45
CA GLU B 54 -0.21 20.89 -30.27
C GLU B 54 -1.47 20.53 -29.52
N MET B 55 -2.41 21.47 -29.41
CA MET B 55 -3.67 21.19 -28.72
C MET B 55 -4.47 20.12 -29.47
N THR B 56 -4.48 20.19 -30.80
CA THR B 56 -5.18 19.17 -31.58
C THR B 56 -4.58 17.80 -31.33
N LEU B 57 -3.25 17.72 -31.33
CA LEU B 57 -2.58 16.45 -31.08
C LEU B 57 -2.86 15.95 -29.67
N CYS B 58 -2.87 16.85 -28.69
CA CYS B 58 -3.15 16.46 -27.31
C CYS B 58 -4.56 15.93 -27.17
N LYS B 59 -5.53 16.57 -27.82
CA LYS B 59 -6.90 16.07 -27.79
C LYS B 59 -7.01 14.70 -28.43
N TYR B 60 -6.35 14.50 -29.57
CA TYR B 60 -6.38 13.20 -30.23
C TYR B 60 -5.81 12.11 -29.34
N TYR B 61 -4.67 12.37 -28.71
CA TYR B 61 -4.07 11.35 -27.86
C TYR B 61 -4.81 11.18 -26.54
N GLU B 62 -5.52 12.20 -26.06
CA GLU B 62 -6.40 12.02 -24.92
C GLU B 62 -7.54 11.07 -25.27
N LYS B 63 -8.08 11.19 -26.48
CA LYS B 63 -9.08 10.22 -26.93
C LYS B 63 -8.49 8.81 -27.01
N ARG B 64 -7.26 8.70 -27.51
CA ARG B 64 -6.60 7.40 -27.55
C ARG B 64 -6.43 6.81 -26.16
N LEU B 65 -6.05 7.65 -25.19
CA LEU B 65 -5.91 7.18 -23.81
C LEU B 65 -7.24 6.71 -23.24
N LEU B 66 -8.33 7.42 -23.58
CA LEU B 66 -9.65 6.96 -23.17
C LEU B 66 -9.94 5.57 -23.73
N GLU B 67 -9.64 5.36 -25.01
CA GLU B 67 -9.86 4.05 -25.62
C GLU B 67 -9.04 2.98 -24.92
N PHE B 68 -7.77 3.27 -24.66
CA PHE B 68 -6.86 2.32 -24.02
C PHE B 68 -7.37 1.92 -22.64
N CYS B 69 -7.81 2.91 -21.85
CA CYS B 69 -8.26 2.60 -20.49
C CYS B 69 -9.65 1.97 -20.52
N SER B 70 -10.39 2.13 -21.62
CA SER B 70 -11.69 1.47 -21.73
C SER B 70 -11.53 -0.01 -22.02
N VAL B 71 -10.63 -0.37 -22.94
CA VAL B 71 -10.47 -1.78 -23.31
C VAL B 71 -9.45 -2.51 -22.43
N PHE B 72 -9.02 -1.90 -21.32
CA PHE B 72 -8.00 -2.48 -20.46
C PHE B 72 -8.59 -3.61 -19.64
N LYS B 73 -7.89 -4.73 -19.58
CA LYS B 73 -8.30 -5.88 -18.76
C LYS B 73 -7.15 -6.21 -17.81
N PRO B 74 -7.39 -6.35 -16.50
CA PRO B 74 -8.69 -6.38 -15.79
C PRO B 74 -9.42 -5.05 -15.79
N ALA B 75 -10.69 -5.05 -15.39
CA ALA B 75 -11.54 -3.87 -15.45
C ALA B 75 -10.91 -2.68 -14.75
N MET B 76 -10.66 -1.64 -15.51
CA MET B 76 -10.06 -0.41 -14.99
C MET B 76 -11.14 0.42 -14.29
N PRO B 77 -10.97 0.72 -13.00
CA PRO B 77 -11.94 1.58 -12.33
C PRO B 77 -11.99 2.96 -12.98
N ARG B 78 -13.19 3.54 -13.00
CA ARG B 78 -13.38 4.81 -13.70
C ARG B 78 -12.59 5.94 -13.04
N SER B 79 -12.40 5.88 -11.72
CA SER B 79 -11.62 6.90 -11.04
C SER B 79 -10.16 6.86 -11.48
N VAL B 80 -9.63 5.67 -11.73
CA VAL B 80 -8.25 5.55 -12.19
C VAL B 80 -8.11 6.17 -13.59
N VAL B 81 -9.09 5.94 -14.44
CA VAL B 81 -9.10 6.55 -15.78
C VAL B 81 -9.11 8.07 -15.65
N GLY B 82 -9.95 8.59 -14.75
CA GLY B 82 -9.99 10.03 -14.54
C GLY B 82 -8.66 10.58 -14.08
N THR B 83 -8.00 9.87 -13.16
CA THR B 83 -6.69 10.30 -12.67
C THR B 83 -5.68 10.31 -13.81
N ALA B 84 -5.69 9.28 -14.66
CA ALA B 84 -4.74 9.23 -15.77
C ALA B 84 -4.95 10.40 -16.72
N CYS B 85 -6.22 10.68 -17.06
CA CYS B 85 -6.51 11.79 -17.96
C CYS B 85 -6.08 13.13 -17.37
N MET B 86 -6.32 13.32 -16.07
CA MET B 86 -5.89 14.55 -15.42
C MET B 86 -4.37 14.68 -15.43
N TYR B 87 -3.68 13.56 -15.26
CA TYR B 87 -2.21 13.57 -15.35
C TYR B 87 -1.77 14.02 -16.74
N PHE B 88 -2.42 13.49 -17.78
CA PHE B 88 -2.07 13.87 -19.14
C PHE B 88 -2.28 15.37 -19.36
N LYS B 89 -3.42 15.90 -18.93
CA LYS B 89 -3.69 17.33 -19.08
C LYS B 89 -2.66 18.17 -18.35
N ARG B 90 -2.36 17.80 -17.10
CA ARG B 90 -1.41 18.58 -16.31
C ARG B 90 -0.01 18.54 -16.90
N PHE B 91 0.40 17.38 -17.43
CA PHE B 91 1.72 17.27 -18.03
C PHE B 91 1.82 18.18 -19.24
N TYR B 92 0.88 18.07 -20.17
CA TYR B 92 1.02 18.84 -21.40
C TYR B 92 0.58 20.28 -21.25
N LEU B 93 0.16 20.68 -20.05
CA LEU B 93 0.03 22.10 -19.76
C LEU B 93 1.38 22.81 -19.80
N ASN B 94 2.43 22.17 -19.29
CA ASN B 94 3.74 22.81 -19.13
C ASN B 94 4.82 22.21 -20.00
N ASN B 95 4.49 21.26 -20.87
CA ASN B 95 5.48 20.61 -21.71
C ASN B 95 4.97 20.55 -23.15
N SER B 96 5.89 20.36 -24.09
CA SER B 96 5.56 20.31 -25.50
C SER B 96 5.51 18.87 -25.99
N VAL B 97 4.57 18.60 -26.90
CA VAL B 97 4.53 17.29 -27.55
C VAL B 97 5.73 17.09 -28.46
N MET B 98 6.39 18.17 -28.86
CA MET B 98 7.58 18.06 -29.70
C MET B 98 8.78 17.52 -28.93
N GLU B 99 8.77 17.60 -27.59
CA GLU B 99 9.86 17.05 -26.79
C GLU B 99 9.56 15.64 -26.31
N TYR B 100 8.41 15.43 -25.69
CA TYR B 100 8.01 14.13 -25.19
C TYR B 100 6.81 13.63 -25.99
N HIS B 101 6.92 12.43 -26.53
CA HIS B 101 5.89 11.94 -27.44
C HIS B 101 4.62 11.63 -26.67
N PRO B 102 3.46 12.10 -27.13
CA PRO B 102 2.22 11.90 -26.36
C PRO B 102 1.82 10.45 -26.17
N ARG B 103 2.25 9.54 -27.04
CA ARG B 103 1.91 8.13 -26.87
C ARG B 103 2.57 7.55 -25.61
N ILE B 104 3.87 7.74 -25.49
CA ILE B 104 4.60 7.21 -24.34
C ILE B 104 4.12 7.89 -23.06
N ILE B 105 3.87 9.20 -23.13
CA ILE B 105 3.43 9.92 -21.94
C ILE B 105 2.03 9.47 -21.52
N MET B 106 1.15 9.19 -22.48
CA MET B 106 -0.18 8.71 -22.12
C MET B 106 -0.10 7.33 -21.46
N LEU B 107 0.77 6.46 -21.97
CA LEU B 107 0.95 5.15 -21.32
C LEU B 107 1.53 5.32 -19.91
N THR B 108 2.49 6.23 -19.76
CA THR B 108 3.07 6.47 -18.43
C THR B 108 2.04 7.04 -17.47
N CYS B 109 1.16 7.89 -17.98
CA CYS B 109 0.08 8.44 -17.15
C CYS B 109 -0.84 7.34 -16.65
N ALA B 110 -1.23 6.43 -17.54
CA ALA B 110 -2.05 5.30 -17.11
C ALA B 110 -1.33 4.44 -16.09
N PHE B 111 -0.03 4.20 -16.31
CA PHE B 111 0.74 3.35 -15.41
C PHE B 111 0.86 3.97 -14.02
N LEU B 112 1.12 5.28 -13.96
CA LEU B 112 1.22 5.95 -12.67
C LEU B 112 -0.14 6.04 -11.99
N ALA B 113 -1.21 6.21 -12.77
CA ALA B 113 -2.54 6.29 -12.19
C ALA B 113 -2.94 4.97 -11.54
N CYS B 114 -2.60 3.85 -12.18
CA CYS B 114 -2.93 2.55 -11.60
C CYS B 114 -2.26 2.35 -10.25
N LYS B 115 -1.00 2.77 -10.12
CA LYS B 115 -0.30 2.58 -8.86
C LYS B 115 -0.76 3.57 -7.80
N VAL B 116 -1.03 4.82 -8.20
CA VAL B 116 -1.43 5.82 -7.22
C VAL B 116 -2.81 5.51 -6.65
N ASP B 117 -3.74 5.10 -7.49
CA ASP B 117 -5.10 4.82 -7.04
C ASP B 117 -5.27 3.38 -6.55
N GLU B 118 -4.19 2.72 -6.15
CA GLU B 118 -4.18 1.41 -5.50
C GLU B 118 -4.75 0.30 -6.37
N PHE B 119 -4.83 0.50 -7.68
CA PHE B 119 -5.27 -0.55 -8.59
C PHE B 119 -4.07 -1.41 -8.94
N ASN B 120 -3.99 -2.59 -8.33
CA ASN B 120 -2.79 -3.41 -8.39
C ASN B 120 -2.79 -4.24 -9.67
N VAL B 121 -1.86 -3.94 -10.57
CA VAL B 121 -1.65 -4.70 -11.79
C VAL B 121 -0.15 -4.86 -11.98
N SER B 122 0.28 -6.08 -12.28
CA SER B 122 1.70 -6.32 -12.55
C SER B 122 2.11 -5.65 -13.85
N SER B 123 3.32 -5.12 -13.88
CA SER B 123 3.81 -4.42 -15.08
C SER B 123 3.80 -5.28 -16.34
N PRO B 124 4.17 -6.58 -16.31
CA PRO B 124 4.05 -7.37 -17.55
C PRO B 124 2.63 -7.42 -18.10
N GLN B 125 1.62 -7.53 -17.25
CA GLN B 125 0.24 -7.57 -17.73
C GLN B 125 -0.18 -6.23 -18.31
N PHE B 126 0.18 -5.14 -17.61
CA PHE B 126 -0.11 -3.81 -18.12
C PHE B 126 0.49 -3.62 -19.51
N VAL B 127 1.76 -3.97 -19.68
CA VAL B 127 2.40 -3.77 -20.97
C VAL B 127 1.90 -4.78 -21.99
N GLY B 128 1.34 -5.91 -21.53
CA GLY B 128 0.74 -6.85 -22.45
C GLY B 128 -0.61 -6.38 -22.96
N ASN B 129 -1.24 -5.45 -22.23
CA ASN B 129 -2.48 -4.86 -22.74
C ASN B 129 -2.25 -4.10 -24.04
N LEU B 130 -1.02 -3.67 -24.29
CA LEU B 130 -0.70 -2.96 -25.52
C LEU B 130 -0.87 -3.86 -26.73
N ARG B 131 -0.98 -3.25 -27.90
CA ARG B 131 -1.09 -3.98 -29.15
C ARG B 131 0.16 -3.79 -30.01
N PRO B 134 5.35 -8.43 -27.89
CA PRO B 134 6.67 -8.98 -28.21
C PRO B 134 7.80 -8.06 -27.76
N LEU B 135 8.85 -7.94 -28.57
CA LEU B 135 9.96 -7.06 -28.23
C LEU B 135 9.51 -5.60 -28.17
N GLY B 136 8.51 -5.24 -28.99
CA GLY B 136 7.97 -3.90 -28.91
C GLY B 136 7.36 -3.60 -27.55
N GLN B 137 6.66 -4.59 -26.98
CA GLN B 137 6.11 -4.42 -25.64
C GLN B 137 7.22 -4.22 -24.61
N GLU B 138 8.32 -4.97 -24.72
CA GLU B 138 9.42 -4.80 -23.79
C GLU B 138 10.03 -3.41 -23.90
N LYS B 139 10.21 -2.93 -25.13
CA LYS B 139 10.74 -1.59 -25.32
C LYS B 139 9.79 -0.54 -24.76
N ALA B 140 8.48 -0.74 -24.96
CA ALA B 140 7.50 0.19 -24.43
C ALA B 140 7.55 0.24 -22.91
N LEU B 141 7.68 -0.92 -22.28
CA LEU B 141 7.84 -0.95 -20.83
C LEU B 141 9.09 -0.20 -20.40
N GLU B 142 10.17 -0.35 -21.17
CA GLU B 142 11.41 0.36 -20.85
C GLU B 142 11.19 1.87 -20.89
N GLN B 143 10.51 2.36 -21.93
CA GLN B 143 10.27 3.81 -22.02
C GLN B 143 9.35 4.29 -20.90
N ILE B 144 8.35 3.48 -20.55
CA ILE B 144 7.45 3.85 -19.46
C ILE B 144 8.23 4.01 -18.16
N LEU B 145 9.13 3.06 -17.89
CA LEU B 145 9.94 3.15 -16.68
C LEU B 145 10.89 4.35 -16.74
N GLU B 146 11.36 4.70 -17.95
CA GLU B 146 12.26 5.85 -18.06
C GLU B 146 11.50 7.16 -17.85
N TYR B 147 10.23 7.20 -18.19
CA TYR B 147 9.46 8.44 -18.08
C TYR B 147 8.67 8.56 -16.79
N GLU B 148 8.59 7.52 -15.96
CA GLU B 148 7.81 7.61 -14.72
C GLU B 148 8.26 8.76 -13.84
N LEU B 149 9.55 8.84 -13.54
CA LEU B 149 10.03 9.87 -12.62
C LEU B 149 9.90 11.25 -13.25
N LEU B 150 10.10 11.34 -14.57
CA LEU B 150 9.90 12.60 -15.27
C LEU B 150 8.46 13.09 -15.11
N LEU B 151 7.50 12.19 -15.34
CA LEU B 151 6.11 12.56 -15.18
C LEU B 151 5.80 13.01 -13.76
N ILE B 152 6.33 12.28 -12.78
CA ILE B 152 6.06 12.63 -11.39
C ILE B 152 6.66 13.99 -11.04
N GLN B 153 7.85 14.29 -11.55
CA GLN B 153 8.43 15.62 -11.31
C GLN B 153 7.59 16.70 -11.99
N GLN B 154 7.12 16.45 -13.20
CA GLN B 154 6.33 17.44 -13.92
C GLN B 154 4.97 17.68 -13.28
N LEU B 155 4.50 16.74 -12.48
CA LEU B 155 3.29 16.91 -11.69
C LEU B 155 3.54 17.56 -10.34
N ASN B 156 4.80 17.90 -10.05
CA ASN B 156 5.19 18.51 -8.78
C ASN B 156 4.90 17.59 -7.60
N PHE B 157 4.87 16.28 -7.86
CA PHE B 157 4.58 15.28 -6.84
C PHE B 157 3.21 15.49 -6.21
N HIS B 158 2.25 15.92 -7.04
CA HIS B 158 0.85 16.06 -6.62
C HIS B 158 0.07 14.95 -7.31
N LEU B 159 -0.16 13.87 -6.58
CA LEU B 159 -0.65 12.64 -7.17
C LEU B 159 -2.12 12.35 -6.92
N ILE B 160 -2.70 12.95 -5.87
CA ILE B 160 -4.12 12.74 -5.58
C ILE B 160 -4.95 13.62 -6.49
N VAL B 161 -5.89 13.01 -7.20
CA VAL B 161 -6.76 13.73 -8.13
C VAL B 161 -8.20 13.53 -7.70
N HIS B 162 -8.91 14.63 -7.48
CA HIS B 162 -10.31 14.59 -7.08
C HIS B 162 -11.17 14.67 -8.33
N ASN B 163 -11.89 13.64 -8.58
CA ASN B 163 -12.81 13.41 -9.68
C ASN B 163 -14.22 13.87 -9.31
N PRO B 164 -15.09 14.05 -10.30
CA PRO B 164 -16.48 14.45 -9.99
C PRO B 164 -17.42 13.31 -9.67
N TYR B 165 -17.00 12.05 -9.80
CA TYR B 165 -17.94 10.93 -9.67
C TYR B 165 -18.46 10.79 -8.24
N ARG B 166 -17.57 10.89 -7.26
CA ARG B 166 -18.03 10.82 -5.87
C ARG B 166 -18.95 11.98 -5.51
N PRO B 167 -18.64 13.24 -5.86
CA PRO B 167 -19.64 14.30 -5.64
C PRO B 167 -20.94 14.06 -6.37
N PHE B 168 -20.88 13.44 -7.54
CA PHE B 168 -22.10 13.07 -8.27
C PHE B 168 -22.97 12.14 -7.43
N GLU B 169 -22.35 11.10 -6.85
CA GLU B 169 -23.09 10.17 -6.01
C GLU B 169 -23.64 10.87 -4.76
N GLY B 170 -22.84 11.76 -4.17
CA GLY B 170 -23.32 12.50 -3.00
C GLY B 170 -24.53 13.36 -3.32
N PHE B 171 -24.52 14.02 -4.48
CA PHE B 171 -25.66 14.82 -4.89
C PHE B 171 -26.88 13.95 -5.15
N LEU B 172 -26.69 12.77 -5.74
CA LEU B 172 -27.83 11.89 -5.95
C LEU B 172 -28.45 11.46 -4.62
N ILE B 173 -27.61 11.14 -3.64
CA ILE B 173 -28.12 10.80 -2.30
C ILE B 173 -28.91 11.97 -1.71
N ASP B 174 -28.34 13.17 -1.78
CA ASP B 174 -29.00 14.33 -1.20
C ASP B 174 -30.32 14.63 -1.89
N LEU B 175 -30.37 14.49 -3.23
CA LEU B 175 -31.61 14.72 -3.95
C LEU B 175 -32.67 13.70 -3.57
N LYS B 176 -32.27 12.43 -3.46
CA LYS B 176 -33.23 11.42 -3.03
C LYS B 176 -33.75 11.67 -1.64
N THR B 177 -32.93 12.26 -0.76
CA THR B 177 -33.36 12.52 0.62
C THR B 177 -34.21 13.77 0.77
N ARG B 178 -33.74 14.91 0.27
CA ARG B 178 -34.32 16.21 0.62
C ARG B 178 -35.05 16.91 -0.52
N TYR B 179 -35.23 16.25 -1.66
CA TYR B 179 -35.91 16.86 -2.81
C TYR B 179 -37.02 15.94 -3.27
N PRO B 180 -38.18 15.98 -2.61
CA PRO B 180 -39.30 15.11 -3.02
C PRO B 180 -39.93 15.52 -4.33
N ILE B 181 -39.64 16.72 -4.84
CA ILE B 181 -40.18 17.13 -6.13
C ILE B 181 -39.75 16.17 -7.22
N LEU B 182 -38.47 15.81 -7.24
CA LEU B 182 -37.97 14.79 -8.16
C LEU B 182 -38.47 13.43 -7.69
N GLU B 183 -39.31 12.79 -8.50
CA GLU B 183 -39.80 11.46 -8.15
C GLU B 183 -38.64 10.46 -8.13
N ASN B 184 -37.77 10.54 -9.11
CA ASN B 184 -36.67 9.58 -9.21
C ASN B 184 -35.45 10.25 -9.81
N PRO B 185 -34.45 10.61 -8.99
CA PRO B 185 -33.22 11.19 -9.55
C PRO B 185 -32.45 10.24 -10.44
N GLU B 186 -32.71 8.93 -10.34
CA GLU B 186 -31.97 7.98 -11.17
C GLU B 186 -32.35 8.08 -12.64
N ILE B 187 -33.43 8.79 -12.95
CA ILE B 187 -33.74 9.04 -14.35
C ILE B 187 -32.73 10.00 -14.96
N LEU B 188 -32.02 10.76 -14.13
CA LEU B 188 -31.07 11.76 -14.60
C LEU B 188 -29.65 11.24 -14.72
N ARG B 189 -29.41 9.96 -14.40
CA ARG B 189 -28.03 9.48 -14.29
C ARG B 189 -27.37 9.33 -15.65
N LYS B 190 -28.08 8.77 -16.63
CA LYS B 190 -27.47 8.51 -17.93
C LYS B 190 -27.05 9.80 -18.62
N THR B 191 -27.98 10.75 -18.73
CA THR B 191 -27.71 12.03 -19.37
C THR B 191 -26.68 12.87 -18.63
N ALA B 192 -26.65 12.82 -17.30
CA ALA B 192 -25.59 13.48 -16.53
C ALA B 192 -24.24 12.82 -16.74
N ASP B 193 -24.20 11.50 -16.87
CA ASP B 193 -22.95 10.82 -17.16
C ASP B 193 -22.40 11.21 -18.53
N ASP B 194 -23.27 11.28 -19.53
CA ASP B 194 -22.84 11.71 -20.86
C ASP B 194 -22.28 13.12 -20.81
N PHE B 195 -22.94 14.01 -20.07
CA PHE B 195 -22.47 15.39 -19.95
C PHE B 195 -21.14 15.45 -19.21
N LEU B 196 -20.94 14.57 -18.22
CA LEU B 196 -19.65 14.51 -17.55
C LEU B 196 -18.55 14.10 -18.53
N ASN B 197 -18.84 13.13 -19.40
CA ASN B 197 -17.85 12.76 -20.41
C ASN B 197 -17.51 13.95 -21.31
N ARG B 198 -18.55 14.67 -21.77
CA ARG B 198 -18.32 15.82 -22.64
C ARG B 198 -17.48 16.88 -21.92
N ILE B 199 -17.77 17.12 -20.64
CA ILE B 199 -16.99 18.09 -19.87
C ILE B 199 -15.54 17.63 -19.76
N ALA B 200 -15.33 16.34 -19.51
CA ALA B 200 -13.97 15.83 -19.38
C ALA B 200 -13.20 15.99 -20.68
N LEU B 201 -13.90 16.03 -21.81
CA LEU B 201 -13.22 16.32 -23.07
C LEU B 201 -12.61 17.71 -23.08
N THR B 202 -13.29 18.69 -22.49
CA THR B 202 -12.81 20.06 -22.48
C THR B 202 -11.76 20.26 -21.38
N ASP B 203 -11.47 21.52 -21.09
CA ASP B 203 -10.49 21.90 -20.09
C ASP B 203 -11.12 22.31 -18.76
N ALA B 204 -12.37 21.93 -18.51
CA ALA B 204 -13.06 22.36 -17.30
C ALA B 204 -12.46 21.75 -16.05
N TYR B 205 -11.81 20.59 -16.17
CA TYR B 205 -11.22 19.94 -15.00
C TYR B 205 -10.12 20.80 -14.40
N LEU B 206 -9.51 21.67 -15.19
CA LEU B 206 -8.50 22.59 -14.70
C LEU B 206 -9.07 23.94 -14.28
N LEU B 207 -10.37 24.16 -14.45
CA LEU B 207 -10.97 25.47 -14.21
C LEU B 207 -12.02 25.47 -13.11
N TYR B 208 -12.62 24.32 -12.79
CA TYR B 208 -13.71 24.24 -11.84
C TYR B 208 -13.50 23.11 -10.85
N THR B 209 -14.12 23.24 -9.68
CA THR B 209 -14.08 22.21 -8.66
C THR B 209 -14.93 21.00 -9.08
N PRO B 210 -14.58 19.80 -8.59
CA PRO B 210 -15.34 18.60 -9.00
C PRO B 210 -16.81 18.65 -8.63
N SER B 211 -17.15 19.25 -7.50
CA SER B 211 -18.55 19.35 -7.10
C SER B 211 -19.32 20.26 -8.06
N GLN B 212 -18.70 21.36 -8.49
CA GLN B 212 -19.32 22.23 -9.48
C GLN B 212 -19.58 21.49 -10.79
N ILE B 213 -18.62 20.69 -11.23
CA ILE B 213 -18.79 19.92 -12.46
C ILE B 213 -19.94 18.93 -12.33
N ALA B 214 -20.00 18.22 -11.19
CA ALA B 214 -21.06 17.25 -10.98
C ALA B 214 -22.42 17.92 -10.94
N LEU B 215 -22.53 19.04 -10.23
CA LEU B 215 -23.82 19.73 -10.12
C LEU B 215 -24.24 20.30 -11.47
N THR B 216 -23.28 20.81 -12.25
CA THR B 216 -23.59 21.30 -13.58
C THR B 216 -24.12 20.18 -14.46
N ALA B 217 -23.50 19.00 -14.38
CA ALA B 217 -23.98 17.87 -15.16
C ALA B 217 -25.41 17.49 -14.75
N ILE B 218 -25.67 17.48 -13.44
CA ILE B 218 -27.00 17.11 -12.95
C ILE B 218 -28.05 18.10 -13.43
N LEU B 219 -27.77 19.40 -13.30
CA LEU B 219 -28.76 20.39 -13.71
C LEU B 219 -28.93 20.42 -15.21
N SER B 220 -27.86 20.19 -15.97
CA SER B 220 -27.98 20.11 -17.42
C SER B 220 -28.87 18.94 -17.82
N SER B 221 -28.70 17.79 -17.17
CA SER B 221 -29.56 16.65 -17.46
C SER B 221 -31.01 16.95 -17.10
N ALA B 222 -31.22 17.61 -15.95
CA ALA B 222 -32.58 17.97 -15.55
C ALA B 222 -33.23 18.90 -16.58
N SER B 223 -32.48 19.90 -17.04
CA SER B 223 -33.02 20.83 -18.03
C SER B 223 -33.34 20.12 -19.33
N ARG B 224 -32.46 19.22 -19.78
CA ARG B 224 -32.75 18.49 -21.01
C ARG B 224 -33.98 17.60 -20.85
N ALA B 225 -34.18 17.01 -19.67
CA ALA B 225 -35.38 16.24 -19.40
C ALA B 225 -36.61 17.11 -19.17
N GLY B 226 -36.45 18.43 -19.06
CA GLY B 226 -37.55 19.33 -18.88
C GLY B 226 -37.83 19.75 -17.45
N ILE B 227 -37.22 19.07 -16.47
CA ILE B 227 -37.48 19.40 -15.07
C ILE B 227 -36.73 20.66 -14.70
N THR B 228 -37.33 21.47 -13.81
CA THR B 228 -36.70 22.66 -13.28
C THR B 228 -36.33 22.40 -11.83
N MET B 229 -35.10 22.75 -11.45
CA MET B 229 -34.57 22.44 -10.12
C MET B 229 -33.92 23.65 -9.46
N GLU B 230 -34.42 24.84 -9.75
CA GLU B 230 -33.92 26.03 -9.06
C GLU B 230 -34.34 26.01 -7.59
N SER B 231 -35.40 25.28 -7.27
CA SER B 231 -35.81 25.12 -5.88
C SER B 231 -34.74 24.40 -5.08
N TYR B 232 -34.11 23.38 -5.66
CA TYR B 232 -33.07 22.65 -4.95
C TYR B 232 -31.91 23.56 -4.58
N LEU B 233 -31.52 24.44 -5.51
CA LEU B 233 -30.44 25.37 -5.23
C LEU B 233 -30.85 26.39 -4.17
N SER B 234 -32.02 27.00 -4.36
CA SER B 234 -32.45 28.07 -3.47
C SER B 234 -32.85 27.55 -2.10
N GLU B 235 -33.58 26.44 -2.05
CA GLU B 235 -34.17 25.95 -0.80
C GLU B 235 -33.30 24.92 -0.10
N SER B 236 -33.00 23.80 -0.76
CA SER B 236 -32.26 22.72 -0.10
C SER B 236 -30.85 23.15 0.28
N LEU B 237 -30.17 23.89 -0.59
CA LEU B 237 -28.80 24.32 -0.33
C LEU B 237 -28.72 25.63 0.45
N MET B 238 -29.85 26.19 0.86
CA MET B 238 -29.88 27.41 1.69
C MET B 238 -29.22 28.58 0.98
N LEU B 239 -29.41 28.64 -0.34
CA LEU B 239 -28.89 29.74 -1.13
C LEU B 239 -29.89 30.86 -1.33
N LYS B 240 -31.17 30.64 -0.98
CA LYS B 240 -32.16 31.72 -1.07
C LYS B 240 -31.81 32.86 -0.13
N GLU B 241 -31.08 32.58 0.94
CA GLU B 241 -30.62 33.60 1.85
C GLU B 241 -29.47 34.41 1.29
N ASN B 242 -28.58 33.78 0.51
CA ASN B 242 -27.38 34.43 -0.04
C ASN B 242 -27.49 34.40 -1.56
N ARG B 243 -28.04 35.48 -2.13
CA ARG B 243 -28.33 35.49 -3.57
C ARG B 243 -27.08 35.69 -4.42
N THR B 244 -26.09 36.43 -3.93
CA THR B 244 -24.88 36.62 -4.72
C THR B 244 -24.16 35.29 -4.94
N CYS B 245 -24.13 34.43 -3.92
CA CYS B 245 -23.55 33.11 -4.09
C CYS B 245 -24.30 32.30 -5.13
N LEU B 246 -25.64 32.41 -5.13
CA LEU B 246 -26.43 31.74 -6.15
C LEU B 246 -26.09 32.25 -7.54
N SER B 247 -25.88 33.56 -7.68
CA SER B 247 -25.51 34.12 -8.97
C SER B 247 -24.16 33.58 -9.42
N GLN B 248 -23.18 33.52 -8.52
CA GLN B 248 -21.88 32.96 -8.88
C GLN B 248 -22.00 31.51 -9.32
N LEU B 249 -22.79 30.71 -8.61
CA LEU B 249 -22.94 29.31 -8.98
C LEU B 249 -23.58 29.17 -10.36
N LEU B 250 -24.63 29.97 -10.62
CA LEU B 250 -25.28 29.89 -11.92
C LEU B 250 -24.35 30.33 -13.04
N ASP B 251 -23.53 31.36 -12.80
CA ASP B 251 -22.59 31.82 -13.82
C ASP B 251 -21.51 30.78 -14.08
N ILE B 252 -21.07 30.09 -13.03
CA ILE B 252 -20.11 29.00 -13.19
C ILE B 252 -20.69 27.91 -14.08
N MET B 253 -21.95 27.55 -13.83
CA MET B 253 -22.59 26.54 -14.67
C MET B 253 -22.75 27.00 -16.11
N LYS B 254 -23.11 28.28 -16.30
CA LYS B 254 -23.27 28.80 -17.65
C LYS B 254 -21.94 28.77 -18.40
N SER B 255 -20.86 29.16 -17.73
CA SER B 255 -19.53 29.10 -18.34
C SER B 255 -19.16 27.67 -18.72
N MET B 256 -19.46 26.72 -17.83
CA MET B 256 -19.16 25.33 -18.15
C MET B 256 -19.94 24.85 -19.36
N ARG B 257 -21.24 25.17 -19.43
CA ARG B 257 -22.02 24.77 -20.59
C ARG B 257 -21.48 25.42 -21.87
N ASN B 258 -21.05 26.68 -21.77
CA ASN B 258 -20.45 27.35 -22.93
C ASN B 258 -19.19 26.63 -23.39
N LEU B 259 -18.32 26.26 -22.44
CA LEU B 259 -17.14 25.48 -22.80
C LEU B 259 -17.52 24.19 -23.49
N VAL B 260 -18.60 23.55 -23.04
CA VAL B 260 -19.00 22.29 -23.67
C VAL B 260 -19.49 22.52 -25.10
N LYS B 261 -20.32 23.54 -25.32
CA LYS B 261 -20.82 23.69 -26.69
C LYS B 261 -19.78 24.27 -27.63
N LYS B 262 -18.77 24.98 -27.11
CA LYS B 262 -17.74 25.54 -27.97
C LYS B 262 -16.61 24.56 -28.30
N TYR B 263 -16.61 23.39 -27.67
CA TYR B 263 -15.57 22.40 -27.94
C TYR B 263 -15.72 21.84 -29.35
N GLU B 264 -14.57 21.63 -30.01
CA GLU B 264 -14.54 21.05 -31.35
C GLU B 264 -13.62 19.84 -31.35
N PRO B 265 -14.10 18.67 -31.76
CA PRO B 265 -13.25 17.48 -31.80
C PRO B 265 -12.26 17.56 -32.95
N PRO B 266 -11.09 16.93 -32.81
CA PRO B 266 -10.08 16.99 -33.86
C PRO B 266 -10.56 16.34 -35.15
N ARG B 267 -10.17 16.91 -36.28
CA ARG B 267 -10.51 16.36 -37.58
C ARG B 267 -9.47 15.33 -38.00
N SER B 268 -9.91 14.34 -38.79
CA SER B 268 -9.06 13.21 -39.12
C SER B 268 -7.88 13.63 -40.00
N GLU B 269 -8.14 14.38 -41.07
CA GLU B 269 -7.06 14.72 -42.00
C GLU B 269 -6.05 15.67 -41.35
N GLU B 270 -6.54 16.62 -40.56
CA GLU B 270 -5.63 17.49 -39.82
C GLU B 270 -4.79 16.68 -38.85
N VAL B 271 -5.40 15.70 -38.20
CA VAL B 271 -4.67 14.85 -37.27
C VAL B 271 -3.58 14.06 -38.00
N ALA B 272 -3.88 13.56 -39.20
CA ALA B 272 -2.89 12.81 -39.96
C ALA B 272 -1.71 13.70 -40.34
N VAL B 273 -2.00 14.91 -40.83
CA VAL B 273 -0.92 15.84 -41.19
C VAL B 273 -0.08 16.19 -39.96
N LEU B 274 -0.74 16.43 -38.83
CA LEU B 274 -0.02 16.82 -37.62
C LEU B 274 0.79 15.64 -37.08
N LYS B 275 0.29 14.43 -37.21
CA LYS B 275 1.03 13.26 -36.78
C LYS B 275 2.29 13.08 -37.61
N GLN B 276 2.18 13.28 -38.93
CA GLN B 276 3.38 13.24 -39.76
C GLN B 276 4.37 14.31 -39.35
N LYS B 277 3.89 15.52 -39.07
CA LYS B 277 4.78 16.59 -38.66
C LYS B 277 5.48 16.26 -37.36
N LEU B 278 4.75 15.73 -36.38
CA LEU B 278 5.32 15.41 -35.08
C LEU B 278 6.34 14.28 -35.19
N GLU B 279 6.03 13.26 -36.01
CA GLU B 279 6.98 12.18 -36.22
C GLU B 279 8.25 12.68 -36.89
N ARG B 280 8.12 13.56 -37.88
CA ARG B 280 9.31 14.12 -38.50
C ARG B 280 10.10 14.96 -37.50
N CYS B 281 9.40 15.61 -36.56
CA CYS B 281 10.08 16.40 -35.54
C CYS B 281 10.77 15.51 -34.50
N HIS B 282 10.28 14.28 -34.31
CA HIS B 282 10.86 13.37 -33.34
C HIS B 282 11.94 12.46 -33.93
N SER B 283 12.29 12.63 -35.20
CA SER B 283 13.35 11.86 -35.83
C SER B 283 14.50 12.73 -36.32
N ALA B 284 14.43 14.04 -36.14
CA ALA B 284 15.40 14.96 -36.72
C ALA B 284 16.30 15.65 -35.72
N GLU B 285 15.92 15.67 -34.44
CA GLU B 285 16.72 16.36 -33.43
C GLU B 285 17.72 15.42 -32.79
N LYS C 55 22.97 17.48 -5.53
CA LYS C 55 23.95 18.10 -4.64
C LYS C 55 23.32 19.15 -3.75
N ARG C 56 21.98 19.09 -3.63
CA ARG C 56 21.29 20.03 -2.75
C ARG C 56 21.48 19.64 -1.28
N TYR C 57 21.64 18.35 -1.01
CA TYR C 57 21.74 17.84 0.35
C TYR C 57 23.13 17.27 0.60
N GLU C 58 23.69 17.60 1.76
CA GLU C 58 25.01 17.14 2.15
C GLU C 58 24.86 16.05 3.21
N LYS C 59 24.97 14.81 2.80
CA LYS C 59 24.81 13.68 3.72
C LYS C 59 25.91 13.71 4.77
N LEU C 60 25.52 13.68 6.04
CA LEU C 60 26.49 13.81 7.12
C LEU C 60 26.31 12.83 8.27
N ASP C 61 25.34 11.92 8.22
CA ASP C 61 25.19 10.94 9.27
C ASP C 61 24.31 9.79 8.79
N PHE C 62 24.55 8.61 9.34
CA PHE C 62 23.76 7.43 9.06
C PHE C 62 22.88 7.14 10.25
N LEU C 63 21.56 7.14 10.04
CA LEU C 63 20.63 7.00 11.14
C LEU C 63 20.20 5.55 11.36
N GLY C 64 19.88 4.84 10.29
CA GLY C 64 19.51 3.45 10.42
C GLY C 64 19.11 2.88 9.08
N GLU C 65 19.10 1.56 9.03
CA GLU C 65 18.69 0.82 7.83
C GLU C 65 17.61 -0.17 8.22
N GLY C 66 16.49 -0.11 7.52
CA GLY C 66 15.45 -1.10 7.66
C GLY C 66 15.48 -2.11 6.52
N GLN C 67 14.45 -2.95 6.48
CA GLN C 67 14.35 -3.92 5.41
C GLN C 67 14.03 -3.26 4.08
N PHE C 68 13.31 -2.14 4.09
CA PHE C 68 12.80 -1.53 2.88
C PHE C 68 13.28 -0.10 2.63
N ALA C 69 14.10 0.47 3.51
CA ALA C 69 14.56 1.84 3.33
C ALA C 69 15.79 2.09 4.18
N THR C 70 16.47 3.20 3.88
CA THR C 70 17.64 3.63 4.63
C THR C 70 17.52 5.12 4.93
N VAL C 71 17.78 5.50 6.17
CA VAL C 71 17.59 6.88 6.61
C VAL C 71 18.94 7.49 6.94
N TYR C 72 19.19 8.69 6.41
CA TYR C 72 20.40 9.45 6.69
C TYR C 72 20.03 10.85 7.16
N LYS C 73 20.97 11.49 7.86
CA LYS C 73 20.86 12.91 8.16
C LYS C 73 21.52 13.72 7.05
N ALA C 74 20.98 14.90 6.79
CA ALA C 74 21.56 15.77 5.78
C ALA C 74 21.19 17.21 6.11
N ARG C 75 21.76 18.13 5.35
CA ARG C 75 21.40 19.54 5.43
C ARG C 75 21.00 20.04 4.04
N ASP C 76 20.12 21.04 4.02
CA ASP C 76 19.51 21.49 2.78
C ASP C 76 20.44 22.36 1.93
N LYS C 77 21.48 22.93 2.52
CA LYS C 77 22.46 23.77 1.81
C LYS C 77 21.86 25.07 1.32
N ASN C 78 20.55 25.23 1.44
CA ASN C 78 19.87 26.48 1.09
C ASN C 78 19.32 27.20 2.31
N THR C 79 18.76 26.46 3.27
CA THR C 79 18.31 27.02 4.53
C THR C 79 19.16 26.55 5.70
N ASN C 80 20.15 25.70 5.45
CA ASN C 80 20.98 25.11 6.50
C ASN C 80 20.13 24.39 7.54
N GLN C 81 19.07 23.74 7.08
CA GLN C 81 18.15 23.04 7.95
C GLN C 81 18.50 21.56 7.95
N ILE C 82 18.51 20.95 9.13
CA ILE C 82 18.82 19.52 9.25
C ILE C 82 17.57 18.73 8.90
N VAL C 83 17.70 17.80 7.95
CA VAL C 83 16.60 17.00 7.48
C VAL C 83 17.01 15.53 7.52
N ALA C 84 16.00 14.66 7.46
CA ALA C 84 16.22 13.23 7.36
C ALA C 84 15.79 12.77 5.97
N ILE C 85 16.66 12.03 5.30
CA ILE C 85 16.41 11.54 3.96
C ILE C 85 16.19 10.04 4.04
N LYS C 86 15.00 9.61 3.65
CA LYS C 86 14.64 8.20 3.59
C LYS C 86 14.77 7.76 2.14
N LYS C 87 15.86 7.04 1.84
CA LYS C 87 16.10 6.47 0.52
C LYS C 87 15.39 5.13 0.44
N ILE C 88 14.52 4.96 -0.55
CA ILE C 88 13.75 3.73 -0.65
C ILE C 88 14.51 2.72 -1.47
N LYS C 89 14.65 1.52 -0.92
CA LYS C 89 15.36 0.44 -1.61
C LYS C 89 14.53 -0.09 -2.77
N LEU C 90 15.23 -0.44 -3.86
CA LEU C 90 14.56 -1.09 -4.98
C LEU C 90 14.00 -2.45 -4.61
N GLY C 91 14.69 -3.17 -3.74
CA GLY C 91 14.26 -4.50 -3.38
C GLY C 91 14.79 -5.55 -4.32
N HIS C 92 13.97 -6.55 -4.62
CA HIS C 92 14.43 -7.66 -5.42
C HIS C 92 14.39 -7.31 -6.91
N ARG C 93 14.87 -8.25 -7.72
CA ARG C 93 15.00 -7.98 -9.15
C ARG C 93 13.66 -7.76 -9.81
N SER C 94 12.61 -8.42 -9.33
CA SER C 94 11.29 -8.26 -9.92
C SER C 94 10.68 -6.90 -9.57
N GLU C 95 10.79 -6.48 -8.31
CA GLU C 95 10.21 -5.21 -7.90
C GLU C 95 10.94 -4.03 -8.54
N ALA C 96 12.19 -4.24 -8.96
CA ALA C 96 12.93 -3.17 -9.62
C ALA C 96 12.36 -2.88 -11.01
N LYS C 97 11.82 -3.91 -11.67
CA LYS C 97 11.26 -3.76 -13.00
C LYS C 97 9.86 -3.15 -13.00
N ASP C 98 9.21 -3.07 -11.83
CA ASP C 98 7.88 -2.49 -11.72
C ASP C 98 7.90 -0.99 -11.48
N GLY C 99 9.07 -0.36 -11.54
CA GLY C 99 9.14 1.08 -11.41
C GLY C 99 9.29 1.55 -9.99
N ILE C 100 8.87 2.80 -9.72
CA ILE C 100 9.04 3.37 -8.39
C ILE C 100 8.20 2.58 -7.38
N ASN C 101 8.78 2.39 -6.20
CA ASN C 101 8.15 1.60 -5.14
C ASN C 101 6.77 2.14 -4.79
N ARG C 102 5.81 1.24 -4.63
CA ARG C 102 4.45 1.63 -4.30
C ARG C 102 4.36 2.25 -2.90
N THR C 103 5.20 1.79 -1.96
CA THR C 103 5.17 2.36 -0.62
C THR C 103 5.61 3.82 -0.63
N ALA C 104 6.65 4.14 -1.40
CA ALA C 104 7.08 5.53 -1.53
C ALA C 104 5.99 6.38 -2.19
N LEU C 105 5.33 5.85 -3.21
CA LEU C 105 4.24 6.58 -3.85
C LEU C 105 3.11 6.83 -2.87
N ARG C 106 2.77 5.82 -2.05
CA ARG C 106 1.73 5.99 -1.05
C ARG C 106 2.09 7.07 -0.06
N GLU C 107 3.31 7.05 0.47
CA GLU C 107 3.72 8.07 1.41
C GLU C 107 3.70 9.46 0.79
N ILE C 108 4.19 9.58 -0.45
CA ILE C 108 4.20 10.87 -1.13
C ILE C 108 2.79 11.39 -1.32
N LYS C 109 1.92 10.56 -1.88
CA LYS C 109 0.57 10.99 -2.22
C LYS C 109 -0.25 11.31 -0.98
N LEU C 110 0.03 10.66 0.14
CA LEU C 110 -0.75 10.96 1.34
C LEU C 110 -0.20 12.16 2.08
N LEU C 111 1.12 12.29 2.17
CA LEU C 111 1.69 13.40 2.91
C LEU C 111 1.66 14.71 2.14
N GLN C 112 1.43 14.67 0.83
CA GLN C 112 1.26 15.92 0.10
C GLN C 112 -0.09 16.57 0.34
N GLU C 113 -1.07 15.83 0.86
CA GLU C 113 -2.42 16.35 1.08
C GLU C 113 -2.75 16.57 2.55
N LEU C 114 -1.77 16.58 3.44
CA LEU C 114 -2.01 16.69 4.87
C LEU C 114 -1.10 17.76 5.45
N SER C 115 -1.61 18.54 6.39
CA SER C 115 -0.83 19.60 7.03
C SER C 115 -1.36 19.82 8.43
N HIS C 116 -0.69 19.22 9.42
CA HIS C 116 -1.09 19.32 10.81
C HIS C 116 0.17 19.39 11.65
N PRO C 117 0.14 20.05 12.81
CA PRO C 117 1.33 20.12 13.67
C PRO C 117 1.85 18.77 14.12
N ASN C 118 0.96 17.79 14.29
CA ASN C 118 1.34 16.49 14.85
C ASN C 118 1.41 15.40 13.80
N ILE C 119 1.63 15.76 12.54
CA ILE C 119 1.81 14.80 11.46
C ILE C 119 3.08 15.18 10.72
N ILE C 120 3.90 14.16 10.42
CA ILE C 120 5.22 14.41 9.83
C ILE C 120 5.07 15.06 8.46
N GLY C 121 5.91 16.07 8.21
CA GLY C 121 5.81 16.85 6.99
C GLY C 121 6.86 16.45 5.97
N LEU C 122 6.40 16.20 4.74
CA LEU C 122 7.27 15.87 3.63
C LEU C 122 7.75 17.15 2.97
N LEU C 123 9.04 17.45 3.13
CA LEU C 123 9.63 18.69 2.61
C LEU C 123 9.95 18.62 1.13
N ASP C 124 10.39 17.47 0.63
CA ASP C 124 10.86 17.36 -0.74
C ASP C 124 10.92 15.88 -1.11
N ALA C 125 11.09 15.62 -2.40
CA ALA C 125 11.27 14.25 -2.90
C ALA C 125 11.98 14.33 -4.24
N PHE C 126 13.00 13.49 -4.43
CA PHE C 126 13.76 13.44 -5.66
C PHE C 126 14.13 11.99 -5.96
N GLY C 127 14.92 11.81 -7.01
CA GLY C 127 15.39 10.49 -7.34
C GLY C 127 16.09 10.49 -8.69
N HIS C 128 16.43 9.29 -9.14
CA HIS C 128 16.99 9.07 -10.46
C HIS C 128 16.58 7.67 -10.91
N LYS C 129 15.99 7.58 -12.09
CA LYS C 129 15.46 6.31 -12.62
C LYS C 129 14.41 5.82 -11.64
N SER C 130 14.47 4.57 -11.16
CA SER C 130 13.47 4.09 -10.21
C SER C 130 13.85 4.35 -8.76
N ASN C 131 15.07 4.83 -8.50
CA ASN C 131 15.45 5.21 -7.15
C ASN C 131 14.67 6.44 -6.71
N ILE C 132 14.40 6.53 -5.41
CA ILE C 132 13.64 7.66 -4.87
C ILE C 132 14.05 7.92 -3.43
N SER C 133 14.01 9.18 -3.05
CA SER C 133 14.36 9.62 -1.72
C SER C 133 13.34 10.64 -1.22
N LEU C 134 12.84 10.42 -0.02
CA LEU C 134 11.88 11.32 0.61
C LEU C 134 12.60 12.15 1.65
N VAL C 135 12.29 13.43 1.74
CA VAL C 135 12.93 14.32 2.69
C VAL C 135 11.91 14.72 3.74
N PHE C 136 12.24 14.49 5.00
CA PHE C 136 11.42 14.83 6.14
C PHE C 136 12.18 15.76 7.05
N ASP C 137 11.45 16.45 7.92
CA ASP C 137 12.12 17.19 8.99
C ASP C 137 12.73 16.22 9.99
N PHE C 138 13.87 16.61 10.55
CA PHE C 138 14.62 15.71 11.43
C PHE C 138 13.97 15.64 12.80
N MET C 139 13.74 14.41 13.27
CA MET C 139 13.15 14.16 14.57
C MET C 139 14.20 13.60 15.51
N GLU C 140 14.30 14.18 16.71
CA GLU C 140 15.40 13.84 17.61
C GLU C 140 15.30 12.40 18.11
N THR C 141 14.09 11.97 18.48
CA THR C 141 13.90 10.64 19.07
C THR C 141 12.47 10.20 18.79
N ASP C 142 12.07 9.05 19.34
CA ASP C 142 10.70 8.57 19.22
C ASP C 142 10.22 8.05 20.57
N LEU C 143 8.96 7.62 20.60
CA LEU C 143 8.32 7.26 21.87
C LEU C 143 8.82 5.94 22.42
N GLU C 144 9.22 5.01 21.55
CA GLU C 144 9.75 3.73 22.03
C GLU C 144 11.04 3.93 22.81
N VAL C 145 11.91 4.81 22.34
CA VAL C 145 13.14 5.11 23.05
C VAL C 145 12.82 5.72 24.41
N ILE C 146 11.78 6.55 24.48
CA ILE C 146 11.36 7.12 25.75
C ILE C 146 10.87 6.04 26.70
N ILE C 147 10.08 5.10 26.17
CA ILE C 147 9.48 4.06 27.01
C ILE C 147 10.56 3.14 27.57
N LYS C 148 11.47 2.69 26.71
CA LYS C 148 12.49 1.74 27.14
C LYS C 148 13.62 2.36 27.95
N ASP C 149 13.66 3.69 28.05
CA ASP C 149 14.71 4.34 28.81
C ASP C 149 14.39 4.28 30.30
N ASN C 150 15.15 3.48 31.03
CA ASN C 150 14.92 3.31 32.46
C ASN C 150 15.36 4.50 33.29
N SER C 151 16.17 5.40 32.73
CA SER C 151 16.67 6.54 33.49
C SER C 151 15.63 7.63 33.68
N LEU C 152 14.57 7.65 32.89
CA LEU C 152 13.57 8.71 32.94
C LEU C 152 12.25 8.19 33.48
N VAL C 153 11.55 9.04 34.22
CA VAL C 153 10.31 8.68 34.89
C VAL C 153 9.15 9.27 34.11
N LEU C 154 8.15 8.45 33.80
CA LEU C 154 6.95 8.90 33.09
C LEU C 154 5.88 9.24 34.12
N THR C 155 5.80 10.52 34.47
CA THR C 155 4.76 11.00 35.37
C THR C 155 3.40 10.95 34.66
N PRO C 156 2.29 11.03 35.41
CA PRO C 156 0.98 11.02 34.74
C PRO C 156 0.80 12.15 33.74
N SER C 157 1.39 13.32 34.01
CA SER C 157 1.27 14.44 33.09
C SER C 157 1.96 14.16 31.76
N HIS C 158 3.13 13.52 31.81
CA HIS C 158 3.82 13.17 30.57
C HIS C 158 2.97 12.22 29.73
N ILE C 159 2.36 11.23 30.39
CA ILE C 159 1.50 10.29 29.68
C ILE C 159 0.32 11.01 29.05
N LYS C 160 -0.28 11.93 29.79
CA LYS C 160 -1.42 12.68 29.26
C LYS C 160 -1.01 13.52 28.05
N ALA C 161 0.16 14.15 28.12
CA ALA C 161 0.64 14.96 27.00
C ALA C 161 0.90 14.13 25.75
N TYR C 162 1.60 13.00 25.92
CA TYR C 162 1.85 12.11 24.79
C TYR C 162 0.56 11.57 24.20
N MET C 163 -0.43 11.27 25.04
CA MET C 163 -1.73 10.83 24.55
C MET C 163 -2.46 11.95 23.80
N LEU C 164 -2.38 13.16 24.31
CA LEU C 164 -3.08 14.30 23.70
C LEU C 164 -2.56 14.57 22.30
N MET C 165 -1.25 14.64 22.14
CA MET C 165 -0.68 14.94 20.82
C MET C 165 -1.03 13.84 19.82
N THR C 166 -0.92 12.58 20.25
CA THR C 166 -1.27 11.46 19.39
C THR C 166 -2.72 11.51 18.96
N LEU C 167 -3.62 11.82 19.90
CA LEU C 167 -5.04 11.82 19.58
C LEU C 167 -5.42 13.00 18.69
N GLN C 168 -4.78 14.16 18.86
CA GLN C 168 -5.08 15.28 17.97
C GLN C 168 -4.60 15.00 16.56
N GLY C 169 -3.39 14.45 16.41
CA GLY C 169 -2.95 14.03 15.10
C GLY C 169 -3.89 13.02 14.48
N LEU C 170 -4.32 12.03 15.26
CA LEU C 170 -5.21 11.00 14.75
C LEU C 170 -6.57 11.57 14.37
N GLU C 171 -7.06 12.55 15.14
CA GLU C 171 -8.35 13.16 14.83
C GLU C 171 -8.28 13.91 13.51
N TYR C 172 -7.22 14.70 13.30
CA TYR C 172 -7.05 15.37 12.02
C TYR C 172 -6.96 14.34 10.90
N LEU C 173 -6.22 13.26 11.12
CA LEU C 173 -6.05 12.25 10.08
C LEU C 173 -7.38 11.58 9.73
N HIS C 174 -8.20 11.28 10.74
CA HIS C 174 -9.47 10.59 10.49
C HIS C 174 -10.50 11.51 9.87
N GLN C 175 -10.44 12.81 10.16
CA GLN C 175 -11.37 13.74 9.51
C GLN C 175 -11.17 13.79 8.00
N HIS C 176 -9.98 13.45 7.53
CA HIS C 176 -9.68 13.42 6.10
C HIS C 176 -9.81 12.02 5.53
N TRP C 177 -10.43 11.11 6.27
CA TRP C 177 -10.76 9.76 5.81
C TRP C 177 -9.51 8.97 5.45
N ILE C 178 -8.56 8.95 6.39
CA ILE C 178 -7.33 8.18 6.24
C ILE C 178 -7.09 7.40 7.52
N LEU C 179 -6.76 6.12 7.39
CA LEU C 179 -6.36 5.28 8.51
C LEU C 179 -4.85 5.10 8.49
N HIS C 180 -4.20 5.34 9.62
CA HIS C 180 -2.75 5.17 9.70
C HIS C 180 -2.37 3.70 9.54
N ARG C 181 -3.03 2.81 10.28
CA ARG C 181 -2.89 1.36 10.22
C ARG C 181 -1.54 0.84 10.70
N ASP C 182 -0.64 1.70 11.18
CA ASP C 182 0.67 1.24 11.65
C ASP C 182 1.10 1.97 12.90
N LEU C 183 0.17 2.21 13.82
CA LEU C 183 0.48 2.96 15.03
C LEU C 183 1.20 2.07 16.04
N LYS C 184 2.34 2.53 16.52
CA LYS C 184 3.14 1.86 17.53
C LYS C 184 4.18 2.85 18.03
N PRO C 185 4.81 2.58 19.19
CA PRO C 185 5.68 3.60 19.79
C PRO C 185 6.81 4.09 18.90
N ASN C 186 7.34 3.25 18.01
CA ASN C 186 8.45 3.73 17.19
C ASN C 186 8.00 4.50 15.95
N ASN C 187 6.69 4.62 15.72
CA ASN C 187 6.17 5.46 14.65
C ASN C 187 5.69 6.81 15.17
N LEU C 188 5.84 7.09 16.45
CA LEU C 188 5.50 8.39 17.02
C LEU C 188 6.82 9.09 17.33
N LEU C 189 7.22 10.00 16.45
CA LEU C 189 8.52 10.64 16.54
C LEU C 189 8.43 11.92 17.36
N LEU C 190 9.49 12.20 18.11
CA LEU C 190 9.58 13.37 18.96
C LEU C 190 10.67 14.29 18.45
N ASP C 191 10.39 15.58 18.39
CA ASP C 191 11.38 16.56 17.98
C ASP C 191 12.10 17.13 19.20
N GLU C 192 13.01 18.06 18.94
CA GLU C 192 13.77 18.68 20.02
C GLU C 192 12.90 19.57 20.91
N ASN C 193 11.75 20.02 20.40
CA ASN C 193 10.84 20.87 21.16
C ASN C 193 9.69 20.07 21.76
N GLY C 194 9.78 18.76 21.80
CA GLY C 194 8.75 17.94 22.41
C GLY C 194 7.41 17.95 21.71
N VAL C 195 7.41 17.86 20.38
CA VAL C 195 6.20 17.78 19.60
C VAL C 195 6.14 16.40 18.96
N LEU C 196 5.10 15.64 19.27
CA LEU C 196 4.93 14.31 18.76
C LEU C 196 4.31 14.36 17.37
N LYS C 197 4.79 13.52 16.47
CA LYS C 197 4.28 13.45 15.11
C LYS C 197 4.12 12.00 14.70
N LEU C 198 2.99 11.68 14.10
CA LEU C 198 2.82 10.36 13.50
C LEU C 198 3.64 10.28 12.22
N ALA C 199 4.21 9.10 11.97
CA ALA C 199 5.09 8.92 10.83
C ALA C 199 4.89 7.51 10.29
N ASP C 200 5.70 7.16 9.29
CA ASP C 200 5.66 5.85 8.63
C ASP C 200 4.28 5.59 8.03
N PHE C 201 3.95 6.42 7.04
CA PHE C 201 2.69 6.35 6.34
C PHE C 201 2.72 5.35 5.19
N GLY C 202 3.65 4.41 5.20
CA GLY C 202 3.72 3.36 4.20
C GLY C 202 2.59 2.36 4.23
N LEU C 203 1.84 2.31 5.33
CA LEU C 203 0.67 1.45 5.42
C LEU C 203 -0.65 2.22 5.41
N ALA C 204 -0.60 3.55 5.48
CA ALA C 204 -1.80 4.36 5.61
C ALA C 204 -2.65 4.27 4.35
N LYS C 205 -3.95 4.44 4.53
CA LYS C 205 -4.89 4.24 3.43
C LYS C 205 -6.18 4.97 3.72
N SER C 206 -6.85 5.43 2.66
CA SER C 206 -8.13 6.09 2.80
C SER C 206 -9.26 5.07 3.00
N PHE C 207 -10.23 5.43 3.82
CA PHE C 207 -11.36 4.57 4.12
C PHE C 207 -12.66 5.32 3.92
N GLY C 208 -13.74 4.57 3.77
CA GLY C 208 -15.05 5.15 3.60
C GLY C 208 -15.74 4.71 2.33
N SER C 209 -14.99 4.53 1.26
CA SER C 209 -15.60 4.10 0.01
C SER C 209 -15.85 2.60 0.04
N PRO C 210 -17.08 2.15 -0.22
CA PRO C 210 -17.38 0.72 -0.16
C PRO C 210 -16.68 -0.04 -1.28
N ASN C 211 -16.60 -1.36 -1.09
CA ASN C 211 -15.95 -2.26 -2.05
C ASN C 211 -14.49 -1.88 -2.26
N ARG C 212 -13.77 -1.67 -1.15
CA ARG C 212 -12.36 -1.29 -1.19
C ARG C 212 -11.58 -2.11 -0.16
N ALA C 213 -11.78 -3.43 -0.19
CA ALA C 213 -11.05 -4.31 0.72
C ALA C 213 -9.55 -4.22 0.48
N TYR C 214 -9.12 -4.38 -0.76
CA TYR C 214 -7.72 -4.24 -1.21
C TYR C 214 -6.82 -5.19 -0.41
N THR C 215 -5.57 -4.80 -0.24
CA THR C 215 -4.55 -5.68 0.35
C THR C 215 -4.80 -5.86 1.85
N HIS C 216 -4.12 -6.85 2.42
CA HIS C 216 -4.32 -7.28 3.79
C HIS C 216 -3.20 -6.80 4.73
N GLN C 217 -2.40 -5.83 4.33
CA GLN C 217 -1.29 -5.37 5.14
C GLN C 217 -1.76 -4.85 6.49
N VAL C 218 -1.09 -5.29 7.56
CA VAL C 218 -1.49 -4.99 8.93
C VAL C 218 -0.25 -4.62 9.75
N VAL C 219 -0.50 -3.99 10.89
CA VAL C 219 0.54 -3.57 11.82
C VAL C 219 1.15 -4.80 12.48
N THR C 220 2.30 -4.62 13.15
CA THR C 220 2.88 -5.69 13.94
C THR C 220 1.89 -6.15 15.01
N ARG C 221 1.95 -7.45 15.32
CA ARG C 221 0.82 -8.10 15.98
C ARG C 221 0.58 -7.57 17.39
N TRP C 222 1.58 -7.02 18.05
CA TRP C 222 1.39 -6.55 19.42
C TRP C 222 0.36 -5.45 19.51
N TYR C 223 0.14 -4.70 18.43
CA TYR C 223 -0.77 -3.56 18.42
C TYR C 223 -1.93 -3.77 17.47
N ARG C 224 -2.08 -4.96 16.91
CA ARG C 224 -3.18 -5.27 16.02
C ARG C 224 -4.48 -5.42 16.81
N ALA C 225 -5.57 -4.91 16.24
CA ALA C 225 -6.88 -5.02 16.85
C ALA C 225 -7.47 -6.41 16.58
N PRO C 226 -8.31 -6.91 17.49
CA PRO C 226 -8.84 -8.27 17.32
C PRO C 226 -9.65 -8.46 16.05
N GLU C 227 -10.32 -7.43 15.55
CA GLU C 227 -11.02 -7.58 14.28
C GLU C 227 -10.03 -7.77 13.13
N LEU C 228 -8.85 -7.17 13.22
CA LEU C 228 -7.82 -7.40 12.21
C LEU C 228 -7.24 -8.80 12.35
N LEU C 229 -7.03 -9.27 13.58
CA LEU C 229 -6.54 -10.62 13.79
C LEU C 229 -7.54 -11.68 13.36
N PHE C 230 -8.81 -11.33 13.24
CA PHE C 230 -9.82 -12.25 12.76
C PHE C 230 -10.06 -12.12 11.26
N GLY C 231 -9.27 -11.33 10.56
CA GLY C 231 -9.34 -11.25 9.11
C GLY C 231 -10.33 -10.26 8.54
N ALA C 232 -10.72 -9.23 9.28
CA ALA C 232 -11.66 -8.26 8.76
C ALA C 232 -11.05 -7.45 7.61
N ARG C 233 -11.82 -7.32 6.54
CA ARG C 233 -11.37 -6.56 5.38
C ARG C 233 -11.91 -5.13 5.35
N MET C 234 -13.09 -4.91 5.89
CA MET C 234 -13.69 -3.58 5.97
C MET C 234 -13.72 -3.15 7.43
N TYR C 235 -13.12 -2.00 7.72
CA TYR C 235 -13.05 -1.51 9.09
C TYR C 235 -12.99 0.01 9.06
N GLY C 236 -13.01 0.61 10.24
CA GLY C 236 -12.97 2.04 10.39
C GLY C 236 -11.87 2.46 11.34
N VAL C 237 -12.09 3.58 12.02
CA VAL C 237 -11.08 4.15 12.90
C VAL C 237 -10.78 3.27 14.11
N GLY C 238 -11.49 2.14 14.26
CA GLY C 238 -11.28 1.29 15.42
C GLY C 238 -9.90 0.68 15.50
N VAL C 239 -9.29 0.38 14.36
CA VAL C 239 -7.97 -0.26 14.38
C VAL C 239 -6.92 0.69 14.98
N ASP C 240 -6.93 1.95 14.55
CA ASP C 240 -6.02 2.93 15.13
C ASP C 240 -6.32 3.17 16.60
N MET C 241 -7.59 3.13 16.99
CA MET C 241 -7.95 3.35 18.39
C MET C 241 -7.48 2.20 19.28
N TRP C 242 -7.60 0.96 18.81
CA TRP C 242 -7.05 -0.15 19.57
C TRP C 242 -5.55 -0.03 19.71
N ALA C 243 -4.87 0.36 18.62
CA ALA C 243 -3.43 0.58 18.72
C ALA C 243 -3.10 1.68 19.72
N VAL C 244 -3.94 2.71 19.78
CA VAL C 244 -3.73 3.81 20.72
C VAL C 244 -3.88 3.32 22.16
N GLY C 245 -4.88 2.46 22.40
CA GLY C 245 -5.02 1.87 23.72
C GLY C 245 -3.83 1.01 24.11
N CYS C 246 -3.32 0.23 23.14
CA CYS C 246 -2.13 -0.57 23.40
C CYS C 246 -0.92 0.30 23.72
N ILE C 247 -0.77 1.42 23.01
CA ILE C 247 0.33 2.33 23.27
C ILE C 247 0.20 2.94 24.66
N LEU C 248 -1.03 3.30 25.06
CA LEU C 248 -1.22 3.84 26.41
C LEU C 248 -0.89 2.80 27.47
N ALA C 249 -1.29 1.55 27.24
CA ALA C 249 -0.93 0.48 28.17
C ALA C 249 0.58 0.32 28.27
N GLU C 250 1.28 0.40 27.13
CA GLU C 250 2.74 0.36 27.13
C GLU C 250 3.33 1.50 27.92
N LEU C 251 2.77 2.71 27.78
CA LEU C 251 3.25 3.85 28.56
C LEU C 251 3.04 3.65 30.06
N LEU C 252 1.93 3.04 30.45
CA LEU C 252 1.63 2.82 31.86
C LEU C 252 2.48 1.71 32.49
N LEU C 253 2.74 0.64 31.74
CA LEU C 253 3.48 -0.49 32.28
C LEU C 253 4.96 -0.47 31.97
N ARG C 254 5.40 0.34 31.00
CA ARG C 254 6.76 0.42 30.49
C ARG C 254 7.21 -0.85 29.78
N VAL C 255 6.30 -1.80 29.57
CA VAL C 255 6.58 -2.99 28.77
C VAL C 255 5.39 -3.23 27.86
N PRO C 256 5.59 -3.96 26.76
CA PRO C 256 4.47 -4.26 25.86
C PRO C 256 3.32 -4.94 26.57
N PHE C 257 2.09 -4.50 26.27
CA PHE C 257 0.93 -4.97 27.01
C PHE C 257 0.55 -6.40 26.63
N LEU C 258 0.56 -6.69 25.33
CA LEU C 258 0.10 -7.98 24.81
C LEU C 258 1.15 -8.54 23.86
N PRO C 259 2.28 -9.01 24.37
CA PRO C 259 3.40 -9.42 23.49
C PRO C 259 3.27 -10.84 22.98
N GLY C 260 2.32 -11.06 22.07
CA GLY C 260 2.18 -12.37 21.48
C GLY C 260 3.28 -12.69 20.50
N ASP C 261 3.52 -13.98 20.31
CA ASP C 261 4.52 -14.46 19.36
C ASP C 261 3.92 -15.04 18.10
N SER C 262 2.59 -15.04 17.98
CA SER C 262 1.89 -15.49 16.80
C SER C 262 0.50 -14.87 16.83
N ASP C 263 -0.19 -14.92 15.69
CA ASP C 263 -1.55 -14.38 15.65
C ASP C 263 -2.45 -15.08 16.65
N LEU C 264 -2.41 -16.41 16.69
CA LEU C 264 -3.22 -17.15 17.65
C LEU C 264 -2.80 -16.86 19.07
N ASP C 265 -1.48 -16.75 19.32
CA ASP C 265 -1.02 -16.41 20.65
C ASP C 265 -1.43 -14.99 21.04
N GLN C 266 -1.45 -14.07 20.07
CA GLN C 266 -1.93 -12.72 20.35
C GLN C 266 -3.41 -12.73 20.74
N LEU C 267 -4.23 -13.47 20.00
CA LEU C 267 -5.65 -13.58 20.36
C LEU C 267 -5.82 -14.21 21.73
N THR C 268 -5.02 -15.24 22.02
CA THR C 268 -5.09 -15.89 23.33
C THR C 268 -4.74 -14.92 24.45
N ARG C 269 -3.71 -14.10 24.26
CA ARG C 269 -3.34 -13.13 25.29
C ARG C 269 -4.42 -12.06 25.44
N ILE C 270 -5.00 -11.60 24.33
CA ILE C 270 -6.07 -10.61 24.40
C ILE C 270 -7.22 -11.15 25.23
N PHE C 271 -7.64 -12.39 24.96
CA PHE C 271 -8.77 -12.96 25.67
C PHE C 271 -8.44 -13.34 27.11
N GLU C 272 -7.21 -13.73 27.41
CA GLU C 272 -6.87 -14.01 28.79
C GLU C 272 -6.82 -12.73 29.62
N THR C 273 -6.38 -11.62 29.02
CA THR C 273 -6.25 -10.39 29.79
C THR C 273 -7.58 -9.66 29.92
N LEU C 274 -8.35 -9.57 28.85
CA LEU C 274 -9.58 -8.78 28.85
C LEU C 274 -10.84 -9.62 28.80
N GLY C 275 -10.72 -10.95 28.87
CA GLY C 275 -11.89 -11.80 28.82
C GLY C 275 -12.35 -12.11 27.42
N THR C 276 -12.87 -13.31 27.20
CA THR C 276 -13.42 -13.66 25.90
C THR C 276 -14.75 -12.95 25.71
N PRO C 277 -14.94 -12.24 24.60
CA PRO C 277 -16.21 -11.52 24.41
C PRO C 277 -17.30 -12.43 23.91
N THR C 278 -18.53 -12.13 24.33
CA THR C 278 -19.70 -12.86 23.90
C THR C 278 -20.30 -12.20 22.67
N GLU C 279 -21.49 -12.66 22.26
CA GLU C 279 -22.15 -12.05 21.11
C GLU C 279 -22.90 -10.79 21.46
N GLU C 280 -23.11 -10.52 22.75
CA GLU C 280 -23.68 -9.23 23.14
C GLU C 280 -22.63 -8.13 23.07
N GLN C 281 -21.38 -8.44 23.41
CA GLN C 281 -20.32 -7.43 23.36
C GLN C 281 -19.86 -7.18 21.93
N TRP C 282 -19.81 -8.22 21.11
CA TRP C 282 -19.36 -8.14 19.73
C TRP C 282 -20.39 -8.81 18.84
N PRO C 283 -21.38 -8.07 18.34
CA PRO C 283 -22.59 -8.70 17.78
C PRO C 283 -22.37 -9.69 16.64
N ASP C 284 -21.46 -9.42 15.71
CA ASP C 284 -21.31 -10.27 14.53
C ASP C 284 -19.90 -10.86 14.44
N MET C 285 -19.30 -11.12 15.60
CA MET C 285 -17.91 -11.53 15.65
C MET C 285 -17.68 -12.85 14.91
N CYS C 286 -18.65 -13.76 14.97
CA CYS C 286 -18.49 -15.09 14.39
C CYS C 286 -18.48 -15.10 12.88
N SER C 287 -18.80 -13.98 12.22
CA SER C 287 -18.87 -13.92 10.77
C SER C 287 -17.56 -13.48 10.12
N LEU C 288 -16.53 -13.15 10.91
CA LEU C 288 -15.27 -12.73 10.35
C LEU C 288 -14.54 -13.93 9.72
N PRO C 289 -13.80 -13.72 8.62
CA PRO C 289 -13.28 -14.87 7.86
C PRO C 289 -12.34 -15.76 8.65
N ASP C 290 -11.48 -15.20 9.50
CA ASP C 290 -10.49 -15.96 10.26
C ASP C 290 -10.91 -16.14 11.71
N TYR C 291 -12.19 -16.36 11.96
CA TYR C 291 -12.68 -16.52 13.32
C TYR C 291 -12.45 -17.95 13.80
N VAL C 292 -12.01 -18.09 15.04
CA VAL C 292 -11.92 -19.38 15.71
C VAL C 292 -12.51 -19.23 17.11
N THR C 293 -13.23 -20.24 17.57
CA THR C 293 -13.80 -20.21 18.90
C THR C 293 -12.70 -20.43 19.94
N PHE C 294 -12.84 -19.74 21.07
CA PHE C 294 -11.86 -19.79 22.14
C PHE C 294 -12.52 -20.29 23.42
N LYS C 295 -11.71 -20.84 24.31
CA LYS C 295 -12.17 -21.14 25.66
C LYS C 295 -12.52 -19.85 26.39
N SER C 296 -13.61 -19.88 27.15
CA SER C 296 -14.04 -18.69 27.85
C SER C 296 -13.07 -18.34 28.98
N PHE C 297 -12.63 -17.09 29.01
CA PHE C 297 -11.76 -16.59 30.05
C PHE C 297 -12.46 -15.50 30.83
N PRO C 298 -12.37 -15.50 32.16
CA PRO C 298 -12.98 -14.40 32.94
C PRO C 298 -12.35 -13.05 32.67
N GLY C 299 -11.05 -13.01 32.39
CA GLY C 299 -10.33 -11.78 32.26
C GLY C 299 -9.90 -11.22 33.61
N ILE C 300 -9.01 -10.23 33.56
CA ILE C 300 -8.52 -9.55 34.76
C ILE C 300 -9.20 -8.20 34.85
N PRO C 301 -9.69 -7.80 36.02
CA PRO C 301 -10.21 -6.44 36.18
C PRO C 301 -9.12 -5.41 35.88
N LEU C 302 -9.52 -4.33 35.21
CA LEU C 302 -8.54 -3.38 34.72
C LEU C 302 -7.85 -2.64 35.86
N HIS C 303 -8.51 -2.50 37.01
CA HIS C 303 -7.86 -1.82 38.12
C HIS C 303 -6.78 -2.67 38.76
N HIS C 304 -6.74 -3.97 38.41
CA HIS C 304 -5.64 -4.81 38.87
C HIS C 304 -4.45 -4.71 37.94
N ILE C 305 -4.68 -4.69 36.62
CA ILE C 305 -3.59 -4.56 35.67
C ILE C 305 -2.90 -3.22 35.83
N PHE C 306 -3.68 -2.14 35.90
CA PHE C 306 -3.15 -0.78 36.05
C PHE C 306 -3.54 -0.29 37.43
N SER C 307 -2.72 -0.64 38.42
CA SER C 307 -3.07 -0.36 39.81
C SER C 307 -2.95 1.12 40.14
N ALA C 308 -2.08 1.84 39.43
CA ALA C 308 -1.89 3.27 39.72
C ALA C 308 -2.84 4.14 38.93
N ALA C 309 -3.61 3.56 38.00
CA ALA C 309 -4.51 4.35 37.17
C ALA C 309 -5.70 4.86 37.98
N GLY C 310 -6.06 6.12 37.75
CA GLY C 310 -7.24 6.67 38.37
C GLY C 310 -8.51 6.25 37.65
N ASP C 311 -9.65 6.74 38.16
CA ASP C 311 -10.93 6.33 37.61
C ASP C 311 -11.12 6.83 36.18
N ASP C 312 -10.80 8.10 35.93
CA ASP C 312 -10.99 8.66 34.59
C ASP C 312 -10.14 7.95 33.55
N LEU C 313 -8.87 7.70 33.89
CA LEU C 313 -7.99 6.95 32.99
C LEU C 313 -8.53 5.54 32.78
N LEU C 314 -9.11 4.94 33.81
CA LEU C 314 -9.69 3.61 33.65
C LEU C 314 -10.85 3.65 32.65
N ASP C 315 -11.71 4.67 32.73
CA ASP C 315 -12.80 4.79 31.77
C ASP C 315 -12.27 4.96 30.35
N LEU C 316 -11.22 5.78 30.20
CA LEU C 316 -10.60 5.93 28.88
C LEU C 316 -10.08 4.59 28.35
N ILE C 317 -9.44 3.81 29.22
CA ILE C 317 -8.88 2.52 28.80
C ILE C 317 -9.99 1.57 28.38
N GLN C 318 -11.07 1.48 29.17
CA GLN C 318 -12.18 0.62 28.79
C GLN C 318 -12.76 1.05 27.45
N GLY C 319 -12.87 2.36 27.23
CA GLY C 319 -13.35 2.83 25.95
C GLY C 319 -12.46 2.41 24.80
N LEU C 320 -11.14 2.49 24.99
CA LEU C 320 -10.22 2.12 23.93
C LEU C 320 -10.15 0.61 23.71
N PHE C 321 -10.48 -0.21 24.70
CA PHE C 321 -10.35 -1.66 24.57
C PHE C 321 -11.70 -2.36 24.46
N LEU C 322 -12.72 -1.69 23.94
CA LEU C 322 -14.00 -2.35 23.71
C LEU C 322 -13.88 -3.30 22.52
N PHE C 323 -14.53 -4.45 22.62
CA PHE C 323 -14.40 -5.46 21.58
C PHE C 323 -15.23 -5.11 20.35
N ASN C 324 -16.38 -4.47 20.53
CA ASN C 324 -17.18 -4.06 19.39
C ASN C 324 -16.49 -2.89 18.69
N PRO C 325 -16.08 -3.04 17.43
CA PRO C 325 -15.39 -1.92 16.76
C PRO C 325 -16.25 -0.67 16.64
N CYS C 326 -17.56 -0.83 16.44
CA CYS C 326 -18.45 0.33 16.37
C CYS C 326 -18.52 1.05 17.71
N ALA C 327 -18.57 0.29 18.81
CA ALA C 327 -18.70 0.90 20.14
C ALA C 327 -17.40 1.53 20.64
N ARG C 328 -16.26 1.11 20.09
CA ARG C 328 -14.97 1.66 20.53
C ARG C 328 -14.94 3.17 20.30
N ILE C 329 -14.42 3.90 21.29
CA ILE C 329 -14.44 5.35 21.20
C ILE C 329 -13.54 5.81 20.04
N THR C 330 -13.95 6.90 19.41
CA THR C 330 -13.18 7.50 18.34
C THR C 330 -12.21 8.52 18.93
N ALA C 331 -11.44 9.17 18.06
CA ALA C 331 -10.47 10.15 18.54
C ALA C 331 -11.15 11.38 19.13
N THR C 332 -12.24 11.83 18.50
CA THR C 332 -12.98 12.99 19.04
C THR C 332 -13.61 12.66 20.38
N GLN C 333 -14.26 11.50 20.47
CA GLN C 333 -14.87 11.08 21.72
C GLN C 333 -13.81 10.91 22.81
N ALA C 334 -12.66 10.33 22.45
CA ALA C 334 -11.58 10.19 23.42
C ALA C 334 -11.07 11.55 23.87
N LEU C 335 -10.97 12.52 22.95
CA LEU C 335 -10.49 13.83 23.31
C LEU C 335 -11.49 14.55 24.22
N LYS C 336 -12.79 14.29 24.06
CA LYS C 336 -13.79 14.88 24.91
C LYS C 336 -13.90 14.20 26.27
N MET C 337 -13.16 13.11 26.47
CA MET C 337 -13.25 12.33 27.71
C MET C 337 -12.80 13.18 28.89
N LYS C 338 -13.31 12.86 30.07
CA LYS C 338 -13.06 13.66 31.25
C LYS C 338 -11.61 13.57 31.71
N TYR C 339 -10.88 12.52 31.30
CA TYR C 339 -9.50 12.34 31.75
C TYR C 339 -8.61 13.48 31.29
N PHE C 340 -8.83 13.96 30.07
CA PHE C 340 -7.98 15.03 29.54
C PHE C 340 -8.31 16.37 30.17
N SER C 341 -9.59 16.61 30.51
CA SER C 341 -9.96 17.88 31.11
C SER C 341 -9.70 17.91 32.61
N ASN C 342 -9.49 16.75 33.23
CA ASN C 342 -9.21 16.72 34.66
C ASN C 342 -7.81 17.23 34.95
N ARG C 343 -7.51 17.40 36.22
CA ARG C 343 -6.20 17.88 36.60
C ARG C 343 -5.35 16.73 37.11
N PRO C 344 -4.02 16.83 37.00
CA PRO C 344 -3.21 17.92 36.44
C PRO C 344 -3.22 17.93 34.92
N GLY C 345 -2.97 19.07 34.31
CA GLY C 345 -2.94 19.18 32.87
C GLY C 345 -1.68 18.59 32.29
N PRO C 346 -1.68 18.34 30.98
CA PRO C 346 -0.49 17.79 30.32
C PRO C 346 0.66 18.78 30.39
N THR C 347 1.87 18.24 30.52
CA THR C 347 3.04 19.10 30.62
C THR C 347 3.34 19.78 29.29
N PRO C 348 3.92 20.98 29.32
CA PRO C 348 4.35 21.61 28.08
C PRO C 348 5.41 20.78 27.37
N GLY C 349 5.40 20.84 26.04
CA GLY C 349 6.32 20.03 25.26
C GLY C 349 7.78 20.33 25.54
N CYS C 350 8.09 21.56 25.96
CA CYS C 350 9.46 21.90 26.30
C CYS C 350 9.91 21.21 27.58
N GLN C 351 8.98 20.71 28.38
CA GLN C 351 9.29 20.07 29.65
C GLN C 351 9.23 18.55 29.59
N LEU C 352 8.92 17.98 28.43
CA LEU C 352 8.81 16.53 28.32
C LEU C 352 10.19 15.89 28.46
N PRO C 353 10.27 14.67 29.00
CA PRO C 353 11.58 14.04 29.20
C PRO C 353 12.30 13.78 27.89
N ARG C 354 13.62 13.93 27.91
CA ARG C 354 14.45 13.75 26.73
C ARG C 354 15.50 12.69 27.02
N PRO C 355 15.65 11.67 26.17
CA PRO C 355 16.64 10.60 26.39
C PRO C 355 18.06 11.06 26.05
N GLU D 5 39.24 -2.53 -7.41
CA GLU D 5 39.95 -1.91 -8.52
C GLU D 5 39.79 -2.72 -9.79
N ASN D 6 39.98 -4.04 -9.66
CA ASN D 6 39.83 -4.92 -10.81
C ASN D 6 38.39 -4.93 -11.32
N PHE D 7 37.42 -4.97 -10.40
CA PHE D 7 36.03 -5.10 -10.80
C PHE D 7 35.49 -3.79 -11.36
N GLN D 8 34.81 -3.90 -12.50
CA GLN D 8 34.13 -2.78 -13.16
C GLN D 8 32.64 -2.97 -12.95
N LYS D 9 32.03 -2.10 -12.15
CA LYS D 9 30.59 -2.17 -11.94
C LYS D 9 29.86 -1.90 -13.24
N VAL D 10 28.87 -2.73 -13.54
CA VAL D 10 28.03 -2.57 -14.73
C VAL D 10 26.71 -1.90 -14.39
N GLU D 11 26.00 -2.43 -13.39
CA GLU D 11 24.73 -1.81 -13.03
C GLU D 11 24.28 -2.29 -11.66
N LYS D 12 23.17 -1.71 -11.19
CA LYS D 12 22.57 -2.14 -9.93
C LYS D 12 21.52 -3.21 -10.18
N ILE D 13 21.65 -4.33 -9.46
CA ILE D 13 20.67 -5.41 -9.54
C ILE D 13 19.49 -5.15 -8.62
N GLY D 14 19.74 -5.02 -7.32
CA GLY D 14 18.67 -4.86 -6.37
C GLY D 14 19.23 -4.48 -5.01
N GLU D 15 18.33 -4.17 -4.10
CA GLU D 15 18.67 -3.73 -2.75
C GLU D 15 17.78 -4.48 -1.77
N GLY D 16 18.26 -5.63 -1.32
CA GLY D 16 17.50 -6.48 -0.42
C GLY D 16 17.57 -6.04 1.03
N THR D 17 17.51 -7.01 1.93
CA THR D 17 17.48 -6.70 3.36
C THR D 17 18.74 -5.97 3.80
N TYR D 18 19.90 -6.37 3.28
CA TYR D 18 21.16 -5.70 3.56
C TYR D 18 21.92 -5.49 2.27
N GLY D 19 22.57 -4.33 2.16
CA GLY D 19 23.50 -4.08 1.09
C GLY D 19 22.84 -3.86 -0.26
N VAL D 20 23.69 -3.82 -1.28
CA VAL D 20 23.29 -3.56 -2.66
C VAL D 20 23.93 -4.61 -3.56
N VAL D 21 23.19 -5.07 -4.56
CA VAL D 21 23.70 -6.07 -5.49
C VAL D 21 23.99 -5.41 -6.84
N TYR D 22 25.19 -5.65 -7.35
CA TYR D 22 25.68 -5.01 -8.56
C TYR D 22 26.08 -6.07 -9.57
N LYS D 23 25.59 -5.94 -10.80
CA LYS D 23 26.22 -6.62 -11.92
C LYS D 23 27.56 -5.95 -12.20
N ALA D 24 28.61 -6.76 -12.23
CA ALA D 24 29.96 -6.25 -12.45
C ALA D 24 30.61 -7.07 -13.54
N ARG D 25 31.87 -6.74 -13.84
CA ARG D 25 32.66 -7.47 -14.81
C ARG D 25 34.11 -7.44 -14.34
N ASN D 26 34.79 -8.59 -14.42
CA ASN D 26 36.16 -8.68 -13.97
C ASN D 26 37.11 -8.05 -14.99
N GLU D 31 34.27 -11.93 -16.92
CA GLU D 31 33.15 -12.75 -16.44
C GLU D 31 32.16 -11.93 -15.62
N VAL D 32 30.89 -12.04 -15.97
CA VAL D 32 29.82 -11.30 -15.31
C VAL D 32 29.66 -11.88 -13.91
N VAL D 33 29.75 -11.03 -12.90
CA VAL D 33 29.63 -11.46 -11.51
C VAL D 33 28.66 -10.53 -10.78
N ALA D 34 28.30 -10.94 -9.56
CA ALA D 34 27.40 -10.18 -8.71
C ALA D 34 28.12 -9.78 -7.43
N LEU D 35 28.09 -8.49 -7.12
CA LEU D 35 28.80 -7.95 -5.97
C LEU D 35 27.81 -7.41 -4.94
N LYS D 36 27.98 -7.82 -3.68
CA LYS D 36 27.15 -7.34 -2.59
C LYS D 36 27.99 -6.47 -1.68
N LYS D 37 27.54 -5.23 -1.46
CA LYS D 37 28.27 -4.25 -0.66
C LYS D 37 27.53 -4.08 0.67
N ILE D 38 28.08 -4.62 1.72
CA ILE D 38 27.49 -4.60 3.05
C ILE D 38 28.17 -3.54 3.89
N ARG D 39 27.38 -2.84 4.69
CA ARG D 39 27.94 -1.85 5.60
C ARG D 39 28.79 -2.51 6.67
N LEU D 40 29.88 -1.84 7.04
CA LEU D 40 30.76 -2.34 8.10
C LEU D 40 31.06 -1.25 9.12
N ILE D 52 29.44 -12.13 9.96
CA ILE D 52 30.61 -12.97 10.21
C ILE D 52 30.21 -14.42 10.06
N ARG D 53 29.04 -14.78 10.59
CA ARG D 53 28.58 -16.17 10.50
C ARG D 53 28.12 -16.50 9.08
N GLU D 54 27.46 -15.54 8.41
CA GLU D 54 26.92 -15.81 7.08
C GLU D 54 28.03 -16.04 6.06
N ILE D 55 29.08 -15.21 6.11
CA ILE D 55 30.19 -15.38 5.17
C ILE D 55 30.88 -16.72 5.39
N SER D 56 31.11 -17.06 6.65
CA SER D 56 31.73 -18.35 6.97
C SER D 56 30.88 -19.51 6.48
N LEU D 57 29.57 -19.43 6.70
CA LEU D 57 28.66 -20.47 6.24
C LEU D 57 28.69 -20.59 4.73
N LEU D 58 28.81 -19.46 4.03
CA LEU D 58 28.87 -19.49 2.57
C LEU D 58 30.16 -20.12 2.08
N LYS D 59 31.28 -19.84 2.75
CA LYS D 59 32.54 -20.50 2.39
C LYS D 59 32.43 -22.01 2.63
N GLU D 60 31.79 -22.42 3.73
CA GLU D 60 31.67 -23.84 4.01
C GLU D 60 30.84 -24.56 2.96
N LEU D 61 29.77 -23.93 2.46
CA LEU D 61 28.83 -24.59 1.55
C LEU D 61 29.34 -24.47 0.10
N ASN D 62 30.15 -25.44 -0.28
CA ASN D 62 30.61 -25.56 -1.66
C ASN D 62 29.86 -26.70 -2.34
N HIS D 63 29.11 -26.35 -3.39
CA HIS D 63 28.30 -27.36 -4.08
C HIS D 63 27.89 -26.81 -5.43
N PRO D 64 27.75 -27.65 -6.45
CA PRO D 64 27.28 -27.15 -7.76
C PRO D 64 25.89 -26.52 -7.71
N ASN D 65 25.08 -26.88 -6.72
CA ASN D 65 23.71 -26.39 -6.63
C ASN D 65 23.51 -25.36 -5.53
N ILE D 66 24.58 -24.71 -5.09
CA ILE D 66 24.52 -23.60 -4.15
C ILE D 66 25.34 -22.46 -4.73
N VAL D 67 24.83 -21.23 -4.56
CA VAL D 67 25.51 -20.05 -5.07
C VAL D 67 26.87 -19.91 -4.39
N LYS D 68 27.90 -19.68 -5.19
CA LYS D 68 29.28 -19.77 -4.75
C LYS D 68 29.81 -18.40 -4.33
N LEU D 69 30.41 -18.34 -3.13
CA LEU D 69 31.10 -17.13 -2.67
C LEU D 69 32.52 -17.17 -3.21
N LEU D 70 32.74 -16.41 -4.29
CA LEU D 70 34.04 -16.44 -4.97
C LEU D 70 35.11 -15.79 -4.11
N ASP D 71 34.98 -14.49 -3.84
CA ASP D 71 35.98 -13.75 -3.08
C ASP D 71 35.27 -12.78 -2.15
N VAL D 72 35.93 -12.47 -1.03
CA VAL D 72 35.41 -11.56 -0.03
C VAL D 72 36.41 -10.42 0.13
N ILE D 73 36.12 -9.27 -0.47
CA ILE D 73 36.98 -8.10 -0.36
C ILE D 73 36.60 -7.34 0.90
N HIS D 74 37.59 -7.04 1.74
CA HIS D 74 37.36 -6.43 3.02
C HIS D 74 37.90 -5.01 3.02
N THR D 75 37.08 -4.07 3.49
CA THR D 75 37.47 -2.67 3.61
C THR D 75 37.14 -2.22 5.03
N GLU D 76 37.69 -1.06 5.42
CA GLU D 76 37.55 -0.60 6.80
C GLU D 76 36.10 -0.32 7.15
N ASN D 77 35.35 0.29 6.23
CA ASN D 77 33.96 0.64 6.48
C ASN D 77 33.00 -0.10 5.56
N LYS D 78 33.49 -1.05 4.77
CA LYS D 78 32.65 -1.72 3.80
C LYS D 78 33.08 -3.17 3.67
N LEU D 79 32.14 -4.01 3.22
CA LEU D 79 32.41 -5.40 2.93
C LEU D 79 31.89 -5.70 1.54
N TYR D 80 32.65 -6.49 0.78
CA TYR D 80 32.26 -6.82 -0.58
C TYR D 80 32.30 -8.33 -0.74
N LEU D 81 31.21 -8.88 -1.29
CA LEU D 81 31.11 -10.31 -1.55
C LEU D 81 30.89 -10.53 -3.04
N VAL D 82 31.61 -11.47 -3.62
CA VAL D 82 31.49 -11.79 -5.03
C VAL D 82 30.78 -13.12 -5.18
N PHE D 83 29.84 -13.18 -6.13
CA PHE D 83 29.08 -14.38 -6.44
C PHE D 83 29.04 -14.54 -7.95
N GLU D 84 28.82 -15.77 -8.39
CA GLU D 84 28.52 -16.03 -9.80
C GLU D 84 27.19 -15.36 -10.15
N PHE D 85 27.10 -14.82 -11.36
CA PHE D 85 25.88 -14.15 -11.77
C PHE D 85 24.90 -15.14 -12.38
N LEU D 86 23.68 -15.15 -11.85
CA LEU D 86 22.58 -15.94 -12.39
C LEU D 86 21.56 -15.00 -13.01
N HIS D 87 21.13 -15.30 -14.23
CA HIS D 87 20.44 -14.29 -15.03
C HIS D 87 19.03 -14.02 -14.51
N GLN D 88 18.35 -15.04 -13.97
CA GLN D 88 17.07 -14.79 -13.33
C GLN D 88 16.80 -15.85 -12.27
N ASP D 89 15.83 -15.55 -11.40
CA ASP D 89 15.39 -16.49 -10.38
C ASP D 89 14.16 -17.25 -10.87
N LEU D 90 13.73 -18.21 -10.04
CA LEU D 90 12.65 -19.10 -10.45
C LEU D 90 11.31 -18.36 -10.54
N LYS D 91 11.09 -17.38 -9.67
CA LYS D 91 9.82 -16.67 -9.65
C LYS D 91 9.57 -15.95 -10.97
N LYS D 92 10.57 -15.23 -11.46
CA LYS D 92 10.44 -14.56 -12.76
C LYS D 92 10.25 -15.57 -13.88
N PHE D 93 10.94 -16.70 -13.79
CA PHE D 93 10.83 -17.74 -14.81
C PHE D 93 9.42 -18.30 -14.87
N MET D 94 8.80 -18.54 -13.71
CA MET D 94 7.42 -19.02 -13.70
C MET D 94 6.46 -17.94 -14.16
N ASP D 95 6.75 -16.68 -13.85
CA ASP D 95 5.93 -15.58 -14.34
C ASP D 95 5.94 -15.52 -15.87
N ALA D 96 7.11 -15.67 -16.47
CA ALA D 96 7.21 -15.64 -17.92
C ALA D 96 6.50 -16.83 -18.55
N SER D 97 6.54 -17.99 -17.90
CA SER D 97 5.95 -19.21 -18.44
C SER D 97 4.55 -19.46 -17.90
N ALA D 98 3.82 -18.40 -17.55
CA ALA D 98 2.52 -18.56 -16.92
C ALA D 98 1.51 -19.22 -17.87
N LEU D 99 1.64 -18.95 -19.17
CA LEU D 99 0.67 -19.49 -20.13
C LEU D 99 1.11 -20.83 -20.70
N THR D 100 2.33 -20.91 -21.22
CA THR D 100 2.80 -22.17 -21.81
C THR D 100 3.11 -23.20 -20.74
N GLY D 101 3.58 -22.75 -19.57
CA GLY D 101 4.00 -23.66 -18.52
C GLY D 101 5.48 -23.99 -18.60
N ILE D 102 5.93 -24.75 -17.62
CA ILE D 102 7.31 -25.21 -17.56
C ILE D 102 7.32 -26.70 -17.91
N PRO D 103 8.17 -27.15 -18.82
CA PRO D 103 8.14 -28.56 -19.22
C PRO D 103 8.43 -29.48 -18.05
N LEU D 104 7.79 -30.65 -18.07
CA LEU D 104 7.96 -31.62 -16.99
C LEU D 104 9.41 -32.03 -16.78
N PRO D 105 10.22 -32.31 -17.83
CA PRO D 105 11.64 -32.57 -17.57
C PRO D 105 12.37 -31.43 -16.88
N LEU D 106 12.03 -30.19 -17.20
CA LEU D 106 12.63 -29.06 -16.49
C LEU D 106 12.23 -29.04 -15.03
N ILE D 107 10.96 -29.33 -14.73
CA ILE D 107 10.52 -29.46 -13.35
C ILE D 107 11.33 -30.52 -12.62
N LYS D 108 11.45 -31.70 -13.24
CA LYS D 108 12.15 -32.80 -12.59
C LYS D 108 13.62 -32.47 -12.36
N SER D 109 14.28 -31.88 -13.35
CA SER D 109 15.69 -31.52 -13.19
C SER D 109 15.89 -30.48 -12.10
N TYR D 110 15.03 -29.46 -12.08
CA TYR D 110 15.15 -28.42 -11.06
C TYR D 110 14.93 -29.00 -9.67
N LEU D 111 13.93 -29.86 -9.53
CA LEU D 111 13.67 -30.48 -8.23
C LEU D 111 14.83 -31.36 -7.79
N PHE D 112 15.39 -32.12 -8.73
CA PHE D 112 16.55 -32.96 -8.41
C PHE D 112 17.71 -32.12 -7.91
N GLN D 113 18.02 -31.03 -8.60
CA GLN D 113 19.15 -30.21 -8.22
C GLN D 113 18.91 -29.53 -6.87
N LEU D 114 17.70 -29.03 -6.64
CA LEU D 114 17.37 -28.42 -5.36
C LEU D 114 17.48 -29.44 -4.23
N LEU D 115 17.07 -30.69 -4.50
CA LEU D 115 17.15 -31.73 -3.47
C LEU D 115 18.59 -32.12 -3.18
N GLN D 116 19.46 -32.14 -4.20
CA GLN D 116 20.88 -32.37 -3.94
C GLN D 116 21.46 -31.26 -3.08
N GLY D 117 21.15 -30.01 -3.41
CA GLY D 117 21.62 -28.91 -2.60
C GLY D 117 21.10 -28.96 -1.17
N LEU D 118 19.83 -29.33 -1.01
CA LEU D 118 19.24 -29.44 0.32
C LEU D 118 19.90 -30.56 1.11
N ALA D 119 20.17 -31.69 0.48
CA ALA D 119 20.83 -32.79 1.16
C ALA D 119 22.23 -32.39 1.59
N PHE D 120 22.95 -31.64 0.75
CA PHE D 120 24.26 -31.15 1.16
C PHE D 120 24.15 -30.20 2.35
N CYS D 121 23.18 -29.29 2.33
CA CYS D 121 23.02 -28.38 3.46
C CYS D 121 22.69 -29.13 4.74
N HIS D 122 21.80 -30.12 4.65
CA HIS D 122 21.36 -30.84 5.85
C HIS D 122 22.46 -31.74 6.39
N SER D 123 23.29 -32.30 5.50
CA SER D 123 24.41 -33.11 5.96
C SER D 123 25.38 -32.32 6.82
N HIS D 124 25.45 -31.01 6.61
CA HIS D 124 26.30 -30.13 7.39
C HIS D 124 25.53 -29.39 8.49
N ARG D 125 24.34 -29.89 8.85
CA ARG D 125 23.54 -29.30 9.92
C ARG D 125 23.16 -27.85 9.63
N VAL D 126 22.74 -27.60 8.38
CA VAL D 126 22.34 -26.26 7.95
C VAL D 126 20.85 -26.28 7.64
N LEU D 127 20.13 -25.28 8.14
CA LEU D 127 18.71 -25.13 7.92
C LEU D 127 18.45 -23.84 7.16
N HIS D 128 17.96 -23.97 5.91
CA HIS D 128 17.71 -22.79 5.10
C HIS D 128 16.60 -21.92 5.69
N ARG D 129 15.44 -22.54 5.98
CA ARG D 129 14.30 -21.93 6.66
C ARG D 129 13.53 -20.93 5.79
N ASP D 130 14.06 -20.56 4.62
CA ASP D 130 13.44 -19.53 3.80
C ASP D 130 13.46 -19.92 2.33
N LEU D 131 13.11 -21.16 2.03
CA LEU D 131 13.01 -21.60 0.64
C LEU D 131 11.75 -20.98 0.02
N LYS D 132 11.94 -20.35 -1.14
CA LYS D 132 10.83 -19.79 -1.91
C LYS D 132 11.31 -19.61 -3.34
N PRO D 133 10.40 -19.56 -4.32
CA PRO D 133 10.84 -19.47 -5.72
C PRO D 133 11.68 -18.25 -6.01
N GLN D 134 11.47 -17.16 -5.26
CA GLN D 134 12.24 -15.94 -5.45
C GLN D 134 13.68 -16.08 -4.98
N ASN D 135 13.99 -17.08 -4.16
CA ASN D 135 15.35 -17.29 -3.66
C ASN D 135 16.10 -18.38 -4.42
N LEU D 136 15.55 -18.89 -5.51
CA LEU D 136 16.18 -19.96 -6.28
C LEU D 136 16.64 -19.40 -7.61
N LEU D 137 17.95 -19.34 -7.81
CA LEU D 137 18.50 -18.67 -8.99
C LEU D 137 18.89 -19.68 -10.07
N ILE D 138 18.49 -19.38 -11.30
CA ILE D 138 18.78 -20.21 -12.45
C ILE D 138 19.68 -19.45 -13.41
N ASN D 139 20.30 -20.19 -14.33
CA ASN D 139 21.13 -19.60 -15.37
C ASN D 139 20.66 -20.09 -16.73
N THR D 140 21.48 -19.83 -17.76
CA THR D 140 21.07 -20.11 -19.13
C THR D 140 21.20 -21.60 -19.46
N GLU D 141 22.10 -22.32 -18.78
CA GLU D 141 22.39 -23.69 -19.13
C GLU D 141 21.50 -24.70 -18.40
N GLY D 142 20.55 -24.25 -17.58
CA GLY D 142 19.63 -25.16 -16.93
C GLY D 142 19.99 -25.59 -15.53
N ALA D 143 20.87 -24.87 -14.85
CA ALA D 143 21.22 -25.16 -13.47
C ALA D 143 20.46 -24.24 -12.53
N ILE D 144 20.17 -24.74 -11.33
CA ILE D 144 19.44 -23.98 -10.31
C ILE D 144 20.19 -24.09 -9.00
N LYS D 145 20.26 -22.98 -8.27
CA LYS D 145 21.05 -22.90 -7.05
C LYS D 145 20.27 -22.21 -5.95
N LEU D 146 20.57 -22.59 -4.70
CA LEU D 146 19.98 -21.96 -3.53
C LEU D 146 20.75 -20.70 -3.16
N ALA D 147 20.03 -19.68 -2.72
CA ALA D 147 20.63 -18.43 -2.28
C ALA D 147 19.85 -17.91 -1.09
N ASP D 148 20.23 -16.72 -0.62
CA ASP D 148 19.56 -16.03 0.47
C ASP D 148 19.59 -16.86 1.75
N PHE D 149 20.79 -17.05 2.27
CA PHE D 149 20.97 -17.74 3.56
C PHE D 149 20.97 -16.76 4.73
N GLY D 150 20.00 -15.86 4.77
CA GLY D 150 19.96 -14.87 5.82
C GLY D 150 19.21 -15.36 7.04
N LEU D 151 18.21 -16.21 6.80
CA LEU D 151 17.47 -16.86 7.86
C LEU D 151 18.01 -18.24 8.18
N ALA D 152 19.18 -18.59 7.62
CA ALA D 152 19.71 -19.93 7.77
C ALA D 152 20.03 -20.24 9.22
N ARG D 153 19.91 -21.52 9.57
CA ARG D 153 20.16 -22.01 10.92
C ARG D 153 21.23 -23.08 10.83
N ALA D 154 22.45 -22.75 11.26
CA ALA D 154 23.57 -23.67 11.23
C ALA D 154 23.77 -24.27 12.62
N PHE D 155 23.81 -25.60 12.69
CA PHE D 155 23.82 -26.32 13.96
C PHE D 155 22.61 -25.88 14.79
N GLY D 156 22.84 -25.04 15.80
CA GLY D 156 21.75 -24.54 16.60
C GLY D 156 21.57 -23.03 16.52
N VAL D 157 22.64 -22.31 16.25
CA VAL D 157 22.57 -20.86 16.30
C VAL D 157 22.04 -20.31 14.97
N PRO D 158 21.31 -19.21 14.96
CA PRO D 158 20.98 -18.56 13.69
C PRO D 158 22.17 -17.73 13.20
N VAL D 159 22.31 -17.63 11.88
CA VAL D 159 23.44 -16.88 11.32
C VAL D 159 23.30 -15.39 11.63
N ARG D 160 22.06 -14.91 11.64
CA ARG D 160 21.75 -13.52 11.99
C ARG D 160 20.99 -13.55 13.32
N THR D 161 21.66 -13.14 14.39
CA THR D 161 21.05 -13.22 15.71
C THR D 161 19.91 -12.22 15.88
N TYR D 162 20.02 -11.07 15.21
CA TYR D 162 19.05 -9.98 15.33
C TYR D 162 18.56 -9.60 13.94
N THR D 163 17.39 -10.12 13.55
CA THR D 163 16.78 -9.76 12.27
C THR D 163 15.27 -9.73 12.46
N HIS D 164 14.69 -8.53 12.42
CA HIS D 164 13.25 -8.35 12.40
C HIS D 164 12.76 -8.10 10.97
N GLU D 165 12.96 -9.12 10.13
CA GLU D 165 12.55 -9.08 8.74
C GLU D 165 11.28 -9.89 8.57
N VAL D 166 10.40 -9.44 7.68
CA VAL D 166 9.18 -10.19 7.39
C VAL D 166 9.53 -11.42 6.58
N VAL D 167 8.80 -12.50 6.81
CA VAL D 167 9.02 -13.78 6.13
C VAL D 167 7.80 -14.08 5.27
N THR D 168 8.05 -14.55 4.05
CA THR D 168 6.96 -14.99 3.19
C THR D 168 6.21 -16.13 3.88
N LEU D 169 4.90 -16.18 3.69
CA LEU D 169 4.04 -17.05 4.47
C LEU D 169 3.50 -18.23 3.68
N TRP D 170 3.64 -18.24 2.36
CA TRP D 170 3.05 -19.27 1.52
C TRP D 170 3.77 -20.61 1.60
N TYR D 171 4.97 -20.67 2.18
CA TYR D 171 5.75 -21.90 2.19
C TYR D 171 6.14 -22.31 3.61
N ARG D 172 5.46 -21.80 4.63
CA ARG D 172 5.75 -22.16 6.01
C ARG D 172 5.12 -23.50 6.35
N ALA D 173 5.84 -24.31 7.13
CA ALA D 173 5.34 -25.62 7.53
C ALA D 173 4.25 -25.48 8.60
N PRO D 174 3.35 -26.45 8.70
CA PRO D 174 2.29 -26.35 9.72
C PRO D 174 2.81 -26.33 11.14
N GLU D 175 3.93 -26.99 11.42
CA GLU D 175 4.47 -26.98 12.78
C GLU D 175 4.92 -25.59 13.17
N ILE D 176 5.51 -24.84 12.24
CA ILE D 176 5.84 -23.45 12.52
C ILE D 176 4.57 -22.63 12.71
N LEU D 177 3.54 -22.92 11.90
CA LEU D 177 2.27 -22.20 12.02
C LEU D 177 1.55 -22.51 13.33
N LEU D 178 1.86 -23.62 13.98
CA LEU D 178 1.25 -23.98 15.24
C LEU D 178 2.15 -23.66 16.44
N GLY D 179 3.20 -22.88 16.24
CA GLY D 179 3.97 -22.34 17.33
C GLY D 179 5.14 -23.17 17.81
N CYS D 180 5.49 -24.25 17.12
CA CYS D 180 6.63 -25.06 17.52
C CYS D 180 7.92 -24.24 17.42
N LYS D 181 8.72 -24.29 18.48
CA LYS D 181 10.00 -23.62 18.51
C LYS D 181 11.17 -24.53 18.13
N TYR D 182 10.92 -25.83 17.93
CA TYR D 182 11.96 -26.78 17.55
C TYR D 182 11.95 -26.86 16.03
N TYR D 183 12.86 -26.15 15.40
CA TYR D 183 13.01 -26.22 13.95
C TYR D 183 13.76 -27.49 13.57
N SER D 184 13.17 -28.28 12.69
CA SER D 184 13.81 -29.46 12.14
C SER D 184 14.08 -29.24 10.65
N THR D 185 14.87 -30.14 10.06
CA THR D 185 15.12 -30.03 8.62
C THR D 185 13.86 -30.20 7.81
N ALA D 186 12.85 -30.88 8.35
CA ALA D 186 11.65 -31.20 7.58
C ALA D 186 10.97 -29.95 7.06
N VAL D 187 11.10 -28.82 7.76
CA VAL D 187 10.46 -27.59 7.31
C VAL D 187 10.92 -27.26 5.89
N ASP D 188 12.22 -27.38 5.62
CA ASP D 188 12.69 -27.12 4.27
C ASP D 188 12.02 -28.02 3.27
N ILE D 189 11.91 -29.32 3.59
CA ILE D 189 11.23 -30.24 2.70
C ILE D 189 9.81 -29.74 2.42
N TRP D 190 9.11 -29.31 3.47
CA TRP D 190 7.76 -28.78 3.29
C TRP D 190 7.78 -27.67 2.26
N SER D 191 8.66 -26.68 2.43
CA SER D 191 8.70 -25.57 1.48
C SER D 191 8.95 -26.08 0.08
N LEU D 192 9.93 -26.99 -0.07
CA LEU D 192 10.23 -27.51 -1.39
C LEU D 192 8.99 -28.15 -2.01
N GLY D 193 8.25 -28.92 -1.22
CA GLY D 193 7.04 -29.53 -1.74
C GLY D 193 6.10 -28.50 -2.31
N CYS D 194 5.86 -27.42 -1.57
CA CYS D 194 5.01 -26.36 -2.06
C CYS D 194 5.52 -25.84 -3.39
N ILE D 195 6.81 -25.53 -3.46
CA ILE D 195 7.37 -25.02 -4.70
C ILE D 195 7.17 -26.03 -5.82
N PHE D 196 7.42 -27.31 -5.52
CA PHE D 196 7.17 -28.35 -6.50
C PHE D 196 5.76 -28.23 -7.04
N ALA D 197 4.77 -28.18 -6.14
CA ALA D 197 3.38 -28.07 -6.58
C ALA D 197 3.17 -26.82 -7.41
N GLU D 198 3.77 -25.70 -6.98
CA GLU D 198 3.60 -24.46 -7.73
C GLU D 198 4.12 -24.61 -9.15
N MET D 199 5.29 -25.22 -9.30
CA MET D 199 5.88 -25.33 -10.63
C MET D 199 5.03 -26.23 -11.52
N VAL D 200 4.18 -27.06 -10.91
CA VAL D 200 3.33 -27.93 -11.71
C VAL D 200 2.02 -27.25 -12.03
N THR D 201 1.59 -26.32 -11.18
CA THR D 201 0.27 -25.70 -11.34
C THR D 201 0.34 -24.23 -11.67
N ARG D 202 1.52 -23.63 -11.70
CA ARG D 202 1.69 -22.21 -12.01
C ARG D 202 0.90 -21.33 -11.03
N ARG D 203 0.57 -21.91 -9.88
CA ARG D 203 -0.19 -21.24 -8.84
C ARG D 203 0.33 -21.70 -7.49
N ALA D 204 0.25 -20.82 -6.51
CA ALA D 204 0.64 -21.17 -5.16
C ALA D 204 -0.30 -22.24 -4.60
N LEU D 205 0.27 -23.18 -3.83
CA LEU D 205 -0.55 -24.21 -3.22
C LEU D 205 -1.37 -23.65 -2.06
N PHE D 206 -0.76 -22.85 -1.20
CA PHE D 206 -1.41 -22.29 -0.01
C PHE D 206 -1.15 -20.80 0.02
N PRO D 207 -1.90 -20.02 -0.76
CA PRO D 207 -1.74 -18.55 -0.76
C PRO D 207 -2.57 -17.87 0.32
N GLY D 208 -2.12 -17.99 1.56
CA GLY D 208 -2.84 -17.44 2.68
C GLY D 208 -2.58 -15.95 2.88
N ASP D 209 -3.62 -15.25 3.31
CA ASP D 209 -3.49 -13.82 3.58
C ASP D 209 -2.87 -13.56 4.95
N SER D 210 -3.00 -14.50 5.88
CA SER D 210 -2.46 -14.35 7.22
C SER D 210 -2.04 -15.72 7.73
N GLU D 211 -1.58 -15.75 8.97
CA GLU D 211 -1.17 -17.02 9.59
C GLU D 211 -2.37 -17.96 9.75
N ILE D 212 -3.48 -17.45 10.27
CA ILE D 212 -4.66 -18.28 10.47
C ILE D 212 -5.22 -18.72 9.13
N ASP D 213 -5.29 -17.81 8.16
CA ASP D 213 -5.78 -18.20 6.84
C ASP D 213 -4.85 -19.20 6.18
N GLN D 214 -3.54 -19.04 6.38
CA GLN D 214 -2.59 -20.01 5.86
C GLN D 214 -2.84 -21.40 6.42
N LEU D 215 -3.00 -21.48 7.74
CA LEU D 215 -3.26 -22.76 8.40
C LEU D 215 -4.58 -23.35 7.94
N PHE D 216 -5.60 -22.51 7.75
CA PHE D 216 -6.90 -23.04 7.35
C PHE D 216 -6.91 -23.48 5.90
N ARG D 217 -6.13 -22.83 5.04
CA ARG D 217 -5.97 -23.34 3.68
C ARG D 217 -5.26 -24.68 3.68
N ILE D 218 -4.25 -24.83 4.54
CA ILE D 218 -3.58 -26.13 4.66
C ILE D 218 -4.56 -27.19 5.15
N PHE D 219 -5.35 -26.87 6.18
CA PHE D 219 -6.31 -27.83 6.71
C PHE D 219 -7.35 -28.18 5.67
N ARG D 220 -7.84 -27.19 4.93
CA ARG D 220 -8.88 -27.44 3.93
C ARG D 220 -8.33 -28.22 2.75
N THR D 221 -7.01 -28.19 2.52
CA THR D 221 -6.44 -28.98 1.44
C THR D 221 -6.09 -30.39 1.87
N LEU D 222 -5.62 -30.56 3.10
CA LEU D 222 -5.11 -31.85 3.57
C LEU D 222 -5.95 -32.46 4.69
N GLY D 223 -6.99 -31.79 5.14
CA GLY D 223 -7.70 -32.31 6.31
C GLY D 223 -7.10 -31.79 7.60
N THR D 224 -7.94 -31.71 8.63
CA THR D 224 -7.51 -31.22 9.92
C THR D 224 -6.68 -32.26 10.65
N PRO D 225 -5.49 -31.93 11.15
CA PRO D 225 -4.64 -32.96 11.77
C PRO D 225 -5.17 -33.38 13.13
N ASP D 226 -5.27 -34.68 13.33
CA ASP D 226 -5.63 -35.26 14.61
C ASP D 226 -4.51 -36.16 15.11
N GLU D 227 -4.68 -36.72 16.31
CA GLU D 227 -3.58 -37.41 16.97
C GLU D 227 -3.22 -38.70 16.25
N VAL D 228 -4.10 -39.21 15.40
CA VAL D 228 -3.79 -40.42 14.64
C VAL D 228 -2.72 -40.12 13.59
N VAL D 229 -2.89 -39.02 12.86
CA VAL D 229 -1.96 -38.70 11.78
C VAL D 229 -0.76 -37.92 12.29
N TRP D 230 -0.96 -37.04 13.26
CA TRP D 230 0.11 -36.23 13.85
C TRP D 230 0.06 -36.37 15.35
N PRO D 231 0.70 -37.40 15.91
CA PRO D 231 0.76 -37.51 17.37
C PRO D 231 1.52 -36.34 17.98
N GLY D 232 0.98 -35.81 19.07
CA GLY D 232 1.53 -34.63 19.70
C GLY D 232 1.05 -33.32 19.12
N VAL D 233 0.00 -33.33 18.28
CA VAL D 233 -0.50 -32.10 17.70
C VAL D 233 -1.42 -31.34 18.63
N THR D 234 -2.09 -32.01 19.57
CA THR D 234 -3.00 -31.30 20.45
C THR D 234 -2.28 -30.55 21.57
N SER D 235 -0.99 -30.83 21.78
CA SER D 235 -0.22 -30.13 22.80
C SER D 235 0.70 -29.08 22.20
N MET D 236 0.52 -28.75 20.92
CA MET D 236 1.30 -27.69 20.31
C MET D 236 0.96 -26.36 20.98
N PRO D 237 1.91 -25.42 21.01
CA PRO D 237 1.68 -24.17 21.77
C PRO D 237 0.45 -23.40 21.33
N ASP D 238 0.06 -23.47 20.05
CA ASP D 238 -1.05 -22.70 19.54
C ASP D 238 -2.12 -23.60 18.91
N TYR D 239 -2.33 -24.79 19.46
CA TYR D 239 -3.42 -25.62 18.98
C TYR D 239 -4.69 -25.30 19.74
N LYS D 240 -5.81 -25.27 19.01
CA LYS D 240 -7.10 -24.94 19.58
C LYS D 240 -8.09 -26.05 19.28
N PRO D 241 -8.78 -26.60 20.29
CA PRO D 241 -9.73 -27.69 20.02
C PRO D 241 -10.88 -27.31 19.12
N SER D 242 -11.18 -26.02 19.00
CA SER D 242 -12.31 -25.55 18.21
C SER D 242 -12.01 -25.46 16.73
N PHE D 243 -10.83 -25.89 16.28
CA PHE D 243 -10.46 -25.76 14.88
C PHE D 243 -11.46 -26.51 14.02
N PRO D 244 -11.88 -25.95 12.89
CA PRO D 244 -12.82 -26.67 12.02
C PRO D 244 -12.24 -28.00 11.55
N LYS D 245 -13.09 -29.02 11.50
CA LYS D 245 -12.68 -30.37 11.14
C LYS D 245 -12.99 -30.60 9.67
N TRP D 246 -12.09 -30.11 8.82
CA TRP D 246 -12.20 -30.30 7.38
C TRP D 246 -11.80 -31.72 7.00
N ALA D 247 -12.27 -32.16 5.85
CA ALA D 247 -11.92 -33.47 5.34
C ALA D 247 -10.76 -33.36 4.37
N ARG D 248 -10.13 -34.50 4.09
CA ARG D 248 -8.96 -34.56 3.22
C ARG D 248 -9.40 -34.86 1.80
N GLN D 249 -9.28 -33.87 0.92
CA GLN D 249 -9.53 -34.11 -0.50
C GLN D 249 -8.35 -34.84 -1.12
N ASP D 250 -8.64 -35.67 -2.11
CA ASP D 250 -7.59 -36.46 -2.74
C ASP D 250 -6.64 -35.56 -3.53
N PHE D 251 -5.43 -36.06 -3.74
CA PHE D 251 -4.41 -35.29 -4.46
C PHE D 251 -4.69 -35.17 -5.94
N SER D 252 -5.63 -35.95 -6.48
CA SER D 252 -5.91 -35.89 -7.91
C SER D 252 -6.41 -34.51 -8.32
N LYS D 253 -7.31 -33.93 -7.52
CA LYS D 253 -7.83 -32.61 -7.82
C LYS D 253 -6.86 -31.47 -7.48
N VAL D 254 -6.08 -31.62 -6.41
CA VAL D 254 -5.19 -30.54 -6.00
C VAL D 254 -4.07 -30.35 -7.01
N VAL D 255 -3.57 -31.43 -7.59
CA VAL D 255 -2.50 -31.35 -8.57
C VAL D 255 -2.81 -32.28 -9.74
N PRO D 256 -3.71 -31.88 -10.65
CA PRO D 256 -4.08 -32.75 -11.78
C PRO D 256 -2.89 -33.18 -12.63
N PRO D 257 -2.00 -32.26 -13.05
CA PRO D 257 -0.99 -32.66 -14.04
C PRO D 257 -0.04 -33.74 -13.57
N LEU D 258 0.17 -33.88 -12.26
CA LEU D 258 1.21 -34.76 -11.76
C LEU D 258 0.84 -36.22 -11.92
N ASP D 259 1.86 -37.07 -12.00
CA ASP D 259 1.71 -38.49 -12.24
C ASP D 259 1.76 -39.22 -10.89
N GLU D 260 1.62 -40.54 -10.91
CA GLU D 260 1.57 -41.32 -9.68
C GLU D 260 2.85 -41.18 -8.86
N ASP D 261 4.01 -41.27 -9.51
CA ASP D 261 5.26 -41.09 -8.78
C ASP D 261 5.41 -39.67 -8.26
N GLY D 262 5.06 -38.68 -9.08
CA GLY D 262 5.13 -37.30 -8.61
C GLY D 262 4.16 -37.02 -7.49
N ARG D 263 2.95 -37.57 -7.60
CA ARG D 263 1.96 -37.39 -6.53
C ARG D 263 2.42 -38.07 -5.24
N SER D 264 3.00 -39.27 -5.35
CA SER D 264 3.49 -39.96 -4.17
C SER D 264 4.62 -39.18 -3.51
N LEU D 265 5.55 -38.65 -4.31
CA LEU D 265 6.63 -37.85 -3.75
C LEU D 265 6.11 -36.58 -3.10
N LEU D 266 5.12 -35.93 -3.73
CA LEU D 266 4.54 -34.73 -3.15
C LEU D 266 3.85 -35.04 -1.81
N SER D 267 3.15 -36.18 -1.75
CA SER D 267 2.50 -36.57 -0.50
C SER D 267 3.52 -36.85 0.59
N GLN D 268 4.62 -37.54 0.26
CA GLN D 268 5.65 -37.76 1.27
C GLN D 268 6.32 -36.47 1.68
N MET D 269 6.39 -35.48 0.79
CA MET D 269 7.00 -34.21 1.10
C MET D 269 6.07 -33.31 1.91
N LEU D 270 4.77 -33.59 1.92
CA LEU D 270 3.76 -32.79 2.59
C LEU D 270 3.06 -33.58 3.67
N HIS D 271 3.83 -34.27 4.51
CA HIS D 271 3.28 -34.94 5.68
C HIS D 271 3.12 -33.94 6.81
N TYR D 272 2.05 -34.13 7.60
CA TYR D 272 1.85 -33.26 8.77
C TYR D 272 2.94 -33.49 9.81
N ASP D 273 3.19 -34.74 10.16
CA ASP D 273 4.18 -35.07 11.16
C ASP D 273 5.57 -34.80 10.61
N PRO D 274 6.37 -33.92 11.22
CA PRO D 274 7.74 -33.70 10.71
C PRO D 274 8.59 -34.95 10.75
N ASN D 275 8.41 -35.80 11.76
CA ASN D 275 9.22 -37.01 11.86
C ASN D 275 8.92 -37.99 10.74
N LYS D 276 7.66 -38.01 10.27
CA LYS D 276 7.30 -38.88 9.16
C LYS D 276 7.56 -38.23 7.80
N ARG D 277 7.88 -36.95 7.76
CA ARG D 277 8.16 -36.27 6.51
C ARG D 277 9.43 -36.83 5.89
N ILE D 278 9.44 -36.90 4.55
CA ILE D 278 10.59 -37.47 3.86
C ILE D 278 11.81 -36.58 4.03
N SER D 279 12.99 -37.18 3.93
CA SER D 279 14.23 -36.44 4.00
C SER D 279 14.77 -36.21 2.59
N ALA D 280 15.72 -35.29 2.46
CA ALA D 280 16.25 -34.94 1.14
C ALA D 280 16.97 -36.12 0.51
N LYS D 281 17.82 -36.81 1.30
CA LYS D 281 18.52 -37.96 0.77
C LYS D 281 17.55 -39.06 0.38
N ALA D 282 16.53 -39.31 1.20
CA ALA D 282 15.53 -40.31 0.86
C ALA D 282 14.71 -39.88 -0.34
N ALA D 283 14.46 -38.57 -0.48
CA ALA D 283 13.73 -38.07 -1.64
C ALA D 283 14.51 -38.31 -2.93
N LEU D 284 15.83 -38.16 -2.86
CA LEU D 284 16.66 -38.35 -4.07
C LEU D 284 16.57 -39.75 -4.61
N ALA D 285 16.19 -40.73 -3.78
CA ALA D 285 16.13 -42.13 -4.19
C ALA D 285 14.75 -42.55 -4.68
N HIS D 286 13.83 -41.59 -4.80
CA HIS D 286 12.46 -41.85 -5.19
C HIS D 286 12.38 -42.23 -6.67
N PRO D 287 11.42 -43.09 -7.05
CA PRO D 287 11.26 -43.44 -8.46
C PRO D 287 10.94 -42.27 -9.36
N PHE D 288 10.46 -41.16 -8.80
CA PHE D 288 10.14 -39.99 -9.62
C PHE D 288 11.33 -39.56 -10.46
N PHE D 289 12.53 -39.55 -9.87
CA PHE D 289 13.75 -39.15 -10.56
C PHE D 289 14.45 -40.32 -11.25
N GLN D 290 13.71 -41.36 -11.62
CA GLN D 290 14.32 -42.48 -12.32
C GLN D 290 14.92 -42.05 -13.64
N ASP D 291 14.23 -41.20 -14.40
CA ASP D 291 14.63 -40.82 -15.76
C ASP D 291 14.88 -39.31 -15.80
N VAL D 292 15.60 -38.80 -14.80
CA VAL D 292 15.90 -37.38 -14.69
C VAL D 292 17.07 -37.06 -15.62
N THR D 293 16.90 -36.03 -16.43
CA THR D 293 17.94 -35.56 -17.34
C THR D 293 17.83 -34.05 -17.46
N LYS D 294 18.95 -33.37 -17.25
CA LYS D 294 18.95 -31.91 -17.23
C LYS D 294 18.82 -31.36 -18.65
N PRO D 295 17.77 -30.58 -18.94
CA PRO D 295 17.58 -29.99 -20.26
C PRO D 295 17.91 -28.50 -20.29
PB ADP E . 10.24 1.59 8.15
O1B ADP E . 9.07 2.06 7.33
O2B ADP E . 9.87 0.98 9.48
O3B ADP E . 11.25 0.78 7.39
PA ADP E . 10.38 4.12 9.41
O1A ADP E . 9.71 5.10 8.48
O2A ADP E . 9.60 3.50 10.54
O3A ADP E . 11.03 2.93 8.54
O5' ADP E . 11.70 4.80 10.01
C5' ADP E . 12.71 3.96 10.57
C4' ADP E . 13.65 4.76 11.45
O4' ADP E . 14.04 5.96 10.79
C3' ADP E . 12.98 5.16 12.76
O3' ADP E . 13.49 4.37 13.83
C2' ADP E . 13.33 6.61 12.97
O2' ADP E . 14.14 6.75 14.15
C1' ADP E . 14.11 7.04 11.73
N9 ADP E . 13.42 8.23 11.18
C8 ADP E . 12.38 8.22 10.33
N7 ADP E . 11.99 9.48 10.04
C5 ADP E . 12.79 10.33 10.71
C6 ADP E . 12.92 11.78 10.86
N6 ADP E . 12.10 12.63 10.20
N1 ADP E . 13.89 12.25 11.68
C2 ADP E . 14.72 11.42 12.34
N3 ADP E . 14.65 10.09 12.25
C4 ADP E . 13.73 9.50 11.47
MG MG F . 8.57 2.43 11.74
MG MG G . 7.17 1.38 7.16
PB ADP H . 17.57 -10.81 0.60
O1B ADP H . 16.27 -11.53 0.38
O2B ADP H . 17.41 -9.33 0.69
O3B ADP H . 18.46 -11.39 1.67
PA ADP H . 19.59 -10.22 -1.36
O1A ADP H . 19.57 -8.83 -0.81
O2A ADP H . 20.85 -11.03 -1.25
O3A ADP H . 18.35 -11.09 -0.79
O5' ADP H . 19.19 -10.14 -2.92
C5' ADP H . 19.04 -8.90 -3.60
C4' ADP H . 18.71 -9.24 -5.04
O4' ADP H . 19.91 -9.57 -5.74
C3' ADP H . 17.81 -10.46 -5.08
O3' ADP H . 16.64 -10.16 -5.85
C2' ADP H . 18.61 -11.53 -5.78
O2' ADP H . 17.81 -12.23 -6.74
C1' ADP H . 19.74 -10.78 -6.46
N9 ADP H . 21.00 -11.58 -6.40
C8 ADP H . 21.72 -11.83 -5.30
N7 ADP H . 22.80 -12.58 -5.60
C5 ADP H . 22.79 -12.81 -6.92
C6 ADP H . 23.64 -13.53 -7.88
N6 ADP H . 24.76 -14.16 -7.48
N1 ADP H . 23.26 -13.52 -9.18
C2 ADP H . 22.15 -12.89 -9.59
N3 ADP H . 21.33 -12.22 -8.77
C4 ADP H . 21.59 -12.14 -7.44
MG MG I . 17.92 -12.60 3.01
MG MG J . 14.91 -12.91 0.83
#